data_3B0U
#
_entry.id   3B0U
#
_cell.length_a   126.643
_cell.length_b   126.643
_cell.length_c   112.670
_cell.angle_alpha   90.000
_cell.angle_beta   90.000
_cell.angle_gamma   120.000
#
_symmetry.space_group_name_H-M   'H 3'
#
loop_
_entity.id
_entity.type
_entity.pdbx_description
1 polymer "RNA (5'-R(*GP*GP*(H2U)P*A)-3')"
2 polymer 'tRNA-dihydrouridine synthase'
3 non-polymer 'FLAVIN MONONUCLEOTIDE'
4 water water
#
loop_
_entity_poly.entity_id
_entity_poly.type
_entity_poly.pdbx_seq_one_letter_code
_entity_poly.pdbx_strand_id
1 'polyribonucleotide' GG(H2U)A A,B
2 'polypeptide(L)'
;MLDPRLSVAPMVDRTDRHFRFLVRQVSLGVRLYTEMTVDQAVLRGNRERLLAFRPEEHPIALQLAGSDPKSLAEAARIGE
AFGYDEINLNLGCPSEKAQEGGYGACLLLDLARVREILKAMGEAVRVPVTVKMRLGLEGKETYRGLAQSVEAMAEAGVKV
FVVHARSALLALSTKANREIPPLRHDWVHRLKGDFPQLTFVTNGGIRSLEEALFHLKRVDGVMLGRAVYEDPFVLEEADR
RVFGLPRRPSRLEVARRMRAYLEEEVLKGTPPWAVLRHMLNLFRGRPKGRLWRRLLSEGRSLQALDRALRLMEEEVGEEG
EKEKPGPRGQREAAPGPAREGVLEHHHHHH
;
X,Y
#
loop_
_chem_comp.id
_chem_comp.type
_chem_comp.name
_chem_comp.formula
A RNA linking ADENOSINE-5'-MONOPHOSPHATE 'C10 H14 N5 O7 P'
FMN non-polymer 'FLAVIN MONONUCLEOTIDE' 'C17 H21 N4 O9 P'
G RNA linking GUANOSINE-5'-MONOPHOSPHATE 'C10 H14 N5 O8 P'
H2U RNA linking 5,6-DIHYDROURIDINE-5'-MONOPHOSPHATE 'C9 H15 N2 O9 P'
#
# COMPACT_ATOMS: atom_id res chain seq x y z
P H2U A 3 10.18 -14.70 -8.35
OP1 H2U A 3 10.35 -13.90 -9.58
OP2 H2U A 3 9.35 -16.08 -8.43
O5' H2U A 3 9.58 -13.78 -7.20
C5' H2U A 3 10.05 -12.45 -6.99
C4' H2U A 3 8.94 -11.52 -6.63
O4' H2U A 3 7.93 -12.25 -5.88
C3' H2U A 3 9.34 -10.35 -5.75
O3' H2U A 3 8.46 -9.25 -5.99
C1' H2U A 3 7.81 -11.71 -4.58
C2' H2U A 3 9.09 -10.89 -4.35
O2' H2U A 3 8.91 -9.91 -3.36
N1 H2U A 3 7.63 -12.82 -3.64
C2 H2U A 3 6.59 -12.82 -2.80
O2 H2U A 3 5.80 -11.87 -2.83
N3 H2U A 3 6.39 -13.82 -1.93
C4 H2U A 3 6.94 -15.02 -2.13
O4 H2U A 3 6.68 -15.94 -1.39
C5 H2U A 3 7.88 -15.23 -3.29
C6 H2U A 3 8.59 -13.92 -3.62
P H2U B 3 -0.47 6.44 -10.08
OP1 H2U B 3 0.74 5.75 -9.60
OP2 H2U B 3 -0.74 6.52 -11.66
O5' H2U B 3 -0.57 7.89 -9.43
C5' H2U B 3 -0.30 8.08 -8.05
C4' H2U B 3 0.64 9.24 -7.83
O4' H2U B 3 0.34 10.29 -8.79
C3' H2U B 3 0.54 9.88 -6.46
O3' H2U B 3 1.79 10.51 -6.16
C1' H2U B 3 -0.17 11.43 -8.12
C2' H2U B 3 -0.52 10.96 -6.70
O2' H2U B 3 -0.51 12.01 -5.77
N1 H2U B 3 -1.31 11.93 -8.89
C2 H2U B 3 -1.34 13.21 -9.31
O2 H2U B 3 -0.40 13.94 -9.05
N3 H2U B 3 -2.37 13.67 -10.04
C4 H2U B 3 -3.19 12.83 -10.70
O4 H2U B 3 -4.09 13.25 -11.38
C5 H2U B 3 -2.97 11.34 -10.58
C6 H2U B 3 -2.41 11.02 -9.19
N LEU C 2 13.05 -27.61 17.59
CA LEU C 2 12.63 -26.44 16.81
C LEU C 2 11.78 -25.50 17.66
N ASP C 3 12.31 -24.33 17.96
CA ASP C 3 11.59 -23.31 18.71
C ASP C 3 10.80 -22.43 17.74
N PRO C 4 9.46 -22.51 17.78
CA PRO C 4 8.64 -21.82 16.78
C PRO C 4 8.19 -20.41 17.20
N ARG C 5 8.57 -19.97 18.39
CA ARG C 5 7.99 -18.77 18.98
C ARG C 5 8.13 -17.48 18.15
N LEU C 6 9.32 -17.21 17.62
CA LEU C 6 9.54 -15.99 16.87
C LEU C 6 10.49 -16.19 15.69
N SER C 7 10.10 -15.68 14.53
CA SER C 7 10.94 -15.81 13.34
C SER C 7 10.90 -14.54 12.48
N VAL C 8 11.94 -14.38 11.66
CA VAL C 8 11.95 -13.34 10.65
C VAL C 8 11.55 -13.97 9.32
N ALA C 9 10.59 -13.34 8.64
CA ALA C 9 10.02 -13.88 7.41
C ALA C 9 11.05 -13.97 6.29
N PRO C 10 10.95 -15.04 5.46
CA PRO C 10 11.74 -15.10 4.23
C PRO C 10 11.36 -13.93 3.32
N MET C 11 12.35 -13.19 2.82
CA MET C 11 12.07 -12.05 1.97
C MET C 11 13.11 -11.90 0.86
N VAL C 12 12.70 -12.21 -0.38
CA VAL C 12 13.58 -12.06 -1.52
C VAL C 12 14.19 -10.66 -1.58
N ASP C 13 15.50 -10.62 -1.81
CA ASP C 13 16.26 -9.38 -1.90
C ASP C 13 16.43 -8.68 -0.55
N ARG C 14 16.02 -9.36 0.51
CA ARG C 14 16.15 -8.80 1.86
C ARG C 14 16.91 -9.75 2.78
N THR C 15 16.37 -10.95 2.97
CA THR C 15 16.93 -11.88 3.94
C THR C 15 18.07 -12.74 3.40
N ASP C 16 19.04 -12.12 2.75
CA ASP C 16 20.26 -12.81 2.38
C ASP C 16 21.16 -12.94 3.62
N ARG C 17 22.30 -13.60 3.48
CA ARG C 17 23.13 -13.90 4.64
C ARG C 17 23.60 -12.66 5.39
N HIS C 18 23.70 -11.53 4.68
CA HIS C 18 24.19 -10.30 5.29
C HIS C 18 23.18 -9.70 6.24
N PHE C 19 21.93 -9.57 5.79
CA PHE C 19 20.88 -9.04 6.66
C PHE C 19 20.58 -10.02 7.79
N ARG C 20 20.62 -11.31 7.48
CA ARG C 20 20.35 -12.33 8.49
C ARG C 20 21.40 -12.25 9.61
N PHE C 21 22.65 -12.02 9.23
CA PHE C 21 23.71 -11.83 10.22
C PHE C 21 23.42 -10.62 11.10
N LEU C 22 22.96 -9.53 10.48
CA LEU C 22 22.62 -8.33 11.23
C LEU C 22 21.52 -8.63 12.24
N VAL C 23 20.47 -9.29 11.78
CA VAL C 23 19.33 -9.62 12.66
C VAL C 23 19.79 -10.47 13.84
N ARG C 24 20.68 -11.42 13.57
CA ARG C 24 21.19 -12.31 14.62
C ARG C 24 21.92 -11.53 15.71
N GLN C 25 22.47 -10.37 15.36
CA GLN C 25 23.12 -9.52 16.35
C GLN C 25 22.09 -8.88 17.28
N VAL C 26 20.88 -8.68 16.77
CA VAL C 26 19.81 -8.09 17.55
C VAL C 26 19.16 -9.13 18.47
N SER C 27 18.89 -10.30 17.91
CA SER C 27 18.26 -11.37 18.67
C SER C 27 18.94 -12.72 18.44
N LEU C 28 19.45 -13.30 19.52
CA LEU C 28 20.08 -14.62 19.47
C LEU C 28 19.06 -15.73 19.21
N GLY C 29 17.86 -15.55 19.75
CA GLY C 29 16.85 -16.60 19.70
C GLY C 29 16.00 -16.65 18.45
N VAL C 30 15.79 -15.51 17.81
CA VAL C 30 14.87 -15.45 16.68
C VAL C 30 15.29 -16.40 15.56
N ARG C 31 14.31 -17.09 14.98
CA ARG C 31 14.57 -18.04 13.91
C ARG C 31 14.68 -17.33 12.56
N LEU C 32 15.68 -17.69 11.77
CA LEU C 32 15.93 -17.02 10.50
C LEU C 32 15.53 -17.88 9.30
N TYR C 33 15.02 -17.22 8.27
CA TYR C 33 14.64 -17.88 7.02
C TYR C 33 15.37 -17.27 5.82
N THR C 34 15.83 -18.11 4.92
CA THR C 34 16.48 -17.64 3.71
C THR C 34 15.43 -17.01 2.80
N GLU C 35 15.89 -16.28 1.79
CA GLU C 35 15.01 -15.84 0.71
C GLU C 35 14.47 -17.10 0.05
N MET C 36 13.31 -16.99 -0.59
CA MET C 36 12.81 -18.09 -1.39
C MET C 36 13.89 -18.50 -2.36
N THR C 37 14.20 -19.79 -2.40
CA THR C 37 15.22 -20.30 -3.31
C THR C 37 14.64 -21.41 -4.18
N VAL C 38 14.57 -21.15 -5.48
CA VAL C 38 13.98 -22.10 -6.41
C VAL C 38 14.84 -23.36 -6.52
N ASP C 39 14.19 -24.52 -6.54
CA ASP C 39 14.92 -25.78 -6.52
C ASP C 39 15.92 -25.91 -7.67
N GLN C 40 15.54 -25.45 -8.85
CA GLN C 40 16.41 -25.54 -10.02
C GLN C 40 17.73 -24.81 -9.77
N ALA C 41 17.64 -23.67 -9.10
CA ALA C 41 18.84 -22.88 -8.78
C ALA C 41 19.78 -23.69 -7.90
N VAL C 42 19.22 -24.39 -6.92
CA VAL C 42 20.01 -25.21 -6.02
C VAL C 42 20.67 -26.37 -6.76
N LEU C 43 19.92 -26.99 -7.67
CA LEU C 43 20.40 -28.17 -8.38
C LEU C 43 21.47 -27.83 -9.42
N ARG C 44 21.23 -26.77 -10.20
CA ARG C 44 22.07 -26.46 -11.36
C ARG C 44 23.00 -25.27 -11.15
N GLY C 45 22.68 -24.43 -10.17
CA GLY C 45 23.45 -23.22 -9.94
C GLY C 45 24.71 -23.41 -9.10
N ASN C 46 25.30 -22.30 -8.69
CA ASN C 46 26.47 -22.34 -7.80
C ASN C 46 25.99 -22.44 -6.36
N ARG C 47 26.05 -23.66 -5.82
CA ARG C 47 25.45 -23.95 -4.52
C ARG C 47 26.09 -23.17 -3.37
N GLU C 48 27.37 -22.88 -3.49
CA GLU C 48 28.06 -22.11 -2.46
C GLU C 48 27.49 -20.70 -2.38
N ARG C 49 27.42 -20.02 -3.52
CA ARG C 49 26.88 -18.67 -3.57
C ARG C 49 25.44 -18.62 -3.08
N LEU C 50 24.66 -19.63 -3.45
CA LEU C 50 23.23 -19.65 -3.13
C LEU C 50 22.92 -20.08 -1.70
N LEU C 51 23.73 -20.97 -1.14
CA LEU C 51 23.36 -21.65 0.10
C LEU C 51 24.27 -21.42 1.31
N ALA C 52 25.52 -21.03 1.06
CA ALA C 52 26.47 -20.84 2.16
C ALA C 52 25.97 -19.84 3.20
N PHE C 53 26.17 -20.17 4.47
CA PHE C 53 25.80 -19.27 5.56
C PHE C 53 26.76 -19.44 6.74
N ARG C 54 26.76 -18.47 7.65
CA ARG C 54 27.62 -18.53 8.83
C ARG C 54 26.96 -19.30 9.96
N PRO C 55 27.76 -20.02 10.75
CA PRO C 55 27.25 -20.82 11.88
C PRO C 55 26.45 -19.98 12.87
N GLU C 56 26.78 -18.70 13.00
CA GLU C 56 26.07 -17.83 13.93
C GLU C 56 24.60 -17.68 13.56
N GLU C 57 24.27 -17.96 12.30
CA GLU C 57 22.90 -17.81 11.81
C GLU C 57 21.93 -18.86 12.34
N HIS C 58 22.47 -19.97 12.88
CA HIS C 58 21.62 -20.95 13.54
C HIS C 58 20.88 -20.27 14.68
N PRO C 59 19.58 -20.59 14.86
CA PRO C 59 18.78 -21.51 14.05
C PRO C 59 18.32 -20.87 12.74
N ILE C 60 18.42 -21.62 11.65
CA ILE C 60 18.08 -21.08 10.34
C ILE C 60 17.43 -22.12 9.44
N ALA C 61 16.41 -21.69 8.70
CA ALA C 61 15.70 -22.57 7.78
C ALA C 61 15.92 -22.14 6.33
N LEU C 62 16.03 -23.12 5.44
CA LEU C 62 16.11 -22.86 4.01
C LEU C 62 14.72 -22.99 3.40
N GLN C 63 14.26 -21.95 2.72
CA GLN C 63 12.99 -22.07 2.00
C GLN C 63 13.21 -22.39 0.53
N LEU C 64 12.55 -23.44 0.07
CA LEU C 64 12.63 -23.87 -1.32
C LEU C 64 11.31 -23.63 -2.02
N ALA C 65 11.38 -23.36 -3.33
CA ALA C 65 10.20 -23.26 -4.17
C ALA C 65 10.34 -24.22 -5.35
N GLY C 66 9.22 -24.80 -5.77
CA GLY C 66 9.22 -25.75 -6.88
C GLY C 66 7.91 -26.50 -6.96
N SER C 67 7.78 -27.36 -7.97
CA SER C 67 6.54 -28.10 -8.19
C SER C 67 6.80 -29.60 -8.37
N ASP C 68 8.05 -29.97 -8.60
CA ASP C 68 8.41 -31.36 -8.83
C ASP C 68 8.95 -32.02 -7.58
N PRO C 69 8.26 -33.07 -7.09
CA PRO C 69 8.66 -33.77 -5.87
C PRO C 69 10.13 -34.20 -5.86
N LYS C 70 10.60 -34.83 -6.94
CA LYS C 70 11.97 -35.32 -6.98
C LYS C 70 13.00 -34.19 -6.94
N SER C 71 12.75 -33.12 -7.69
CA SER C 71 13.66 -31.99 -7.69
C SER C 71 13.73 -31.34 -6.31
N LEU C 72 12.57 -31.10 -5.71
CA LEU C 72 12.50 -30.50 -4.38
C LEU C 72 13.14 -31.39 -3.32
N ALA C 73 12.95 -32.71 -3.44
CA ALA C 73 13.54 -33.65 -2.49
C ALA C 73 15.06 -33.59 -2.54
N GLU C 74 15.62 -33.58 -3.76
CA GLU C 74 17.05 -33.49 -3.93
C GLU C 74 17.59 -32.15 -3.44
N ALA C 75 16.83 -31.08 -3.70
CA ALA C 75 17.21 -29.75 -3.24
C ALA C 75 17.20 -29.67 -1.72
N ALA C 76 16.23 -30.34 -1.10
CA ALA C 76 16.15 -30.39 0.35
C ALA C 76 17.34 -31.15 0.91
N ARG C 77 17.68 -32.27 0.26
CA ARG C 77 18.83 -33.07 0.65
C ARG C 77 20.08 -32.20 0.65
N ILE C 78 20.29 -31.47 -0.44
CA ILE C 78 21.43 -30.57 -0.56
C ILE C 78 21.40 -29.49 0.51
N GLY C 79 20.22 -28.96 0.78
CA GLY C 79 20.06 -27.96 1.82
C GLY C 79 20.46 -28.50 3.18
N GLU C 80 20.05 -29.74 3.44
CA GLU C 80 20.40 -30.40 4.70
C GLU C 80 21.92 -30.56 4.79
N ALA C 81 22.54 -30.93 3.67
CA ALA C 81 23.99 -31.12 3.63
C ALA C 81 24.74 -29.84 3.98
N PHE C 82 24.11 -28.70 3.70
CA PHE C 82 24.71 -27.40 4.00
C PHE C 82 24.54 -27.02 5.46
N GLY C 83 23.72 -27.79 6.19
CA GLY C 83 23.59 -27.61 7.62
C GLY C 83 22.36 -26.87 8.09
N TYR C 84 21.44 -26.56 7.17
CA TYR C 84 20.20 -25.90 7.55
C TYR C 84 19.42 -26.75 8.55
N ASP C 85 18.75 -26.08 9.50
CA ASP C 85 18.05 -26.76 10.59
C ASP C 85 16.65 -27.20 10.18
N GLU C 86 16.19 -26.69 9.04
CA GLU C 86 14.81 -26.89 8.62
C GLU C 86 14.70 -26.63 7.12
N ILE C 87 13.88 -27.43 6.45
CA ILE C 87 13.59 -27.19 5.04
C ILE C 87 12.13 -26.74 4.92
N ASN C 88 11.95 -25.48 4.54
CA ASN C 88 10.62 -24.88 4.43
C ASN C 88 10.15 -24.84 2.98
N LEU C 89 8.92 -25.28 2.75
CA LEU C 89 8.37 -25.28 1.40
C LEU C 89 7.51 -24.04 1.16
N ASN C 90 7.85 -23.27 0.14
CA ASN C 90 7.08 -22.08 -0.19
C ASN C 90 5.75 -22.46 -0.84
N LEU C 91 4.65 -22.10 -0.18
CA LEU C 91 3.32 -22.34 -0.72
C LEU C 91 2.50 -21.04 -0.72
N GLY C 92 3.19 -19.91 -0.83
CA GLY C 92 2.51 -18.63 -0.70
C GLY C 92 2.90 -17.56 -1.71
N CYS C 93 3.95 -17.80 -2.48
CA CYS C 93 4.41 -16.80 -3.45
C CYS C 93 3.39 -16.62 -4.58
N PRO C 94 2.93 -15.39 -4.80
CA PRO C 94 1.93 -15.11 -5.83
C PRO C 94 2.51 -14.46 -7.09
N SER C 95 3.83 -14.45 -7.23
CA SER C 95 4.49 -13.76 -8.34
C SER C 95 4.12 -14.31 -9.71
N GLU C 96 4.38 -13.52 -10.75
CA GLU C 96 4.17 -13.97 -12.12
C GLU C 96 5.05 -15.17 -12.45
N LYS C 97 6.28 -15.15 -11.95
CA LYS C 97 7.20 -16.25 -12.20
C LYS C 97 6.76 -17.52 -11.47
N ALA C 98 6.18 -17.37 -10.28
CA ALA C 98 5.66 -18.50 -9.55
C ALA C 98 4.51 -19.13 -10.34
N GLN C 99 3.68 -18.30 -10.93
CA GLN C 99 2.54 -18.78 -11.70
C GLN C 99 2.99 -19.50 -12.97
N GLU C 100 4.05 -18.99 -13.60
CA GLU C 100 4.58 -19.60 -14.81
C GLU C 100 5.24 -20.95 -14.50
N GLY C 101 5.87 -21.04 -13.33
CA GLY C 101 6.55 -22.26 -12.93
C GLY C 101 5.68 -23.18 -12.09
N GLY C 102 4.44 -22.77 -11.87
CA GLY C 102 3.50 -23.55 -11.12
C GLY C 102 3.92 -23.86 -9.68
N TYR C 103 4.67 -22.95 -9.07
CA TYR C 103 5.06 -23.11 -7.68
C TYR C 103 4.46 -22.01 -6.80
N GLY C 104 4.80 -22.04 -5.51
CA GLY C 104 4.27 -21.08 -4.56
C GLY C 104 2.79 -21.28 -4.30
N ALA C 105 2.06 -20.16 -4.21
CA ALA C 105 0.64 -20.20 -3.86
C ALA C 105 -0.23 -21.05 -4.80
N CYS C 106 0.15 -21.12 -6.06
N CYS C 106 0.17 -21.10 -6.07
CA CYS C 106 -0.68 -21.86 -7.04
CA CYS C 106 -0.55 -21.86 -7.09
C CYS C 106 -0.67 -23.37 -6.79
C CYS C 106 -0.74 -23.31 -6.68
N LEU C 107 0.22 -23.84 -5.91
CA LEU C 107 0.23 -25.24 -5.53
C LEU C 107 -0.96 -25.60 -4.65
N LEU C 108 -1.56 -24.60 -4.02
CA LEU C 108 -2.71 -24.83 -3.14
C LEU C 108 -3.94 -25.26 -3.94
N LEU C 109 -3.83 -25.23 -5.27
CA LEU C 109 -4.89 -25.71 -6.14
C LEU C 109 -4.81 -27.23 -6.29
N ASP C 110 -3.65 -27.78 -5.95
CA ASP C 110 -3.37 -29.20 -6.18
C ASP C 110 -2.84 -29.86 -4.91
N LEU C 111 -3.73 -30.13 -3.96
CA LEU C 111 -3.32 -30.73 -2.69
C LEU C 111 -2.65 -32.09 -2.88
N ALA C 112 -3.08 -32.82 -3.90
CA ALA C 112 -2.48 -34.12 -4.21
C ALA C 112 -1.00 -33.95 -4.54
N ARG C 113 -0.69 -32.91 -5.30
CA ARG C 113 0.70 -32.61 -5.65
C ARG C 113 1.48 -32.16 -4.43
N VAL C 114 0.86 -31.32 -3.61
CA VAL C 114 1.51 -30.83 -2.40
C VAL C 114 1.90 -31.99 -1.48
N ARG C 115 1.01 -32.96 -1.37
CA ARG C 115 1.25 -34.12 -0.50
C ARG C 115 2.42 -34.97 -0.98
N GLU C 116 2.49 -35.23 -2.28
CA GLU C 116 3.59 -36.03 -2.82
C GLU C 116 4.91 -35.27 -2.79
N ILE C 117 4.86 -33.96 -2.94
CA ILE C 117 6.06 -33.13 -2.76
C ILE C 117 6.59 -33.29 -1.34
N LEU C 118 5.72 -33.07 -0.36
CA LEU C 118 6.10 -33.13 1.05
C LEU C 118 6.58 -34.51 1.47
N LYS C 119 5.92 -35.55 0.95
CA LYS C 119 6.34 -36.92 1.23
C LYS C 119 7.75 -37.17 0.71
N ALA C 120 8.01 -36.73 -0.52
CA ALA C 120 9.33 -36.90 -1.12
C ALA C 120 10.38 -36.14 -0.32
N MET C 121 10.06 -34.90 0.06
CA MET C 121 10.99 -34.08 0.83
C MET C 121 11.26 -34.70 2.19
N GLY C 122 10.21 -35.14 2.86
CA GLY C 122 10.32 -35.73 4.19
C GLY C 122 11.15 -36.99 4.24
N GLU C 123 11.21 -37.70 3.12
CA GLU C 123 11.96 -38.95 3.04
C GLU C 123 13.42 -38.71 2.63
N ALA C 124 13.71 -37.51 2.14
CA ALA C 124 15.04 -37.19 1.66
C ALA C 124 15.94 -36.58 2.74
N VAL C 125 15.32 -36.02 3.78
CA VAL C 125 16.07 -35.38 4.85
C VAL C 125 15.59 -35.82 6.22
N ARG C 126 16.39 -35.55 7.25
CA ARG C 126 16.04 -35.89 8.62
C ARG C 126 15.58 -34.66 9.40
N VAL C 127 15.94 -33.48 8.92
CA VAL C 127 15.52 -32.25 9.57
C VAL C 127 14.04 -32.00 9.29
N PRO C 128 13.41 -31.16 10.11
CA PRO C 128 11.99 -30.84 9.91
C PRO C 128 11.70 -30.28 8.52
N VAL C 129 10.66 -30.79 7.88
CA VAL C 129 10.14 -30.21 6.66
C VAL C 129 8.87 -29.45 7.01
N THR C 130 8.87 -28.14 6.78
CA THR C 130 7.77 -27.28 7.17
C THR C 130 7.14 -26.61 5.94
N VAL C 131 6.08 -25.84 6.17
CA VAL C 131 5.48 -25.10 5.07
C VAL C 131 5.20 -23.66 5.48
N LYS C 132 5.24 -22.78 4.49
CA LYS C 132 4.75 -21.42 4.67
C LYS C 132 3.67 -21.20 3.61
N MET C 133 2.46 -20.91 4.06
CA MET C 133 1.31 -20.93 3.16
C MET C 133 0.43 -19.70 3.36
N ARG C 134 -0.55 -19.54 2.47
CA ARG C 134 -1.56 -18.51 2.63
C ARG C 134 -2.87 -19.18 3.02
N LEU C 135 -3.90 -18.39 3.31
CA LEU C 135 -5.20 -18.94 3.72
C LEU C 135 -5.93 -19.58 2.56
N GLY C 136 -5.56 -19.19 1.34
CA GLY C 136 -6.22 -19.71 0.15
C GLY C 136 -5.92 -18.89 -1.08
N LEU C 137 -6.68 -19.11 -2.14
CA LEU C 137 -6.47 -18.45 -3.42
C LEU C 137 -7.72 -17.70 -3.90
N GLU C 138 -7.51 -16.53 -4.49
CA GLU C 138 -8.58 -15.78 -5.14
C GLU C 138 -9.68 -15.34 -4.17
N GLY C 139 -9.34 -15.21 -2.90
CA GLY C 139 -10.29 -14.79 -1.89
C GLY C 139 -11.50 -15.71 -1.80
N LYS C 140 -11.32 -16.96 -2.22
CA LYS C 140 -12.41 -17.93 -2.23
C LYS C 140 -12.20 -19.01 -1.15
N GLU C 141 -11.29 -18.74 -0.22
CA GLU C 141 -10.98 -19.71 0.82
C GLU C 141 -12.11 -19.87 1.83
N THR C 142 -12.26 -21.09 2.32
CA THR C 142 -13.21 -21.39 3.39
C THR C 142 -12.43 -22.00 4.54
N TYR C 143 -13.00 -21.96 5.74
CA TYR C 143 -12.31 -22.55 6.88
C TYR C 143 -12.13 -24.05 6.68
N ARG C 144 -13.16 -24.70 6.14
CA ARG C 144 -13.09 -26.14 5.87
C ARG C 144 -12.04 -26.46 4.81
N GLY C 145 -11.90 -25.59 3.82
CA GLY C 145 -10.86 -25.76 2.81
C GLY C 145 -9.47 -25.62 3.42
N LEU C 146 -9.31 -24.63 4.28
CA LEU C 146 -8.05 -24.43 4.99
C LEU C 146 -7.71 -25.65 5.85
N ALA C 147 -8.67 -26.10 6.65
CA ALA C 147 -8.46 -27.25 7.53
C ALA C 147 -8.12 -28.48 6.72
N GLN C 148 -8.77 -28.63 5.57
CA GLN C 148 -8.52 -29.77 4.69
C GLN C 148 -7.09 -29.75 4.16
N SER C 149 -6.59 -28.56 3.81
CA SER C 149 -5.22 -28.45 3.31
C SER C 149 -4.22 -28.78 4.42
N VAL C 150 -4.50 -28.32 5.64
CA VAL C 150 -3.67 -28.63 6.79
C VAL C 150 -3.63 -30.15 7.03
N GLU C 151 -4.79 -30.80 6.91
CA GLU C 151 -4.87 -32.24 7.08
C GLU C 151 -4.05 -32.98 6.04
N ALA C 152 -4.15 -32.54 4.79
CA ALA C 152 -3.43 -33.19 3.70
C ALA C 152 -1.92 -33.10 3.93
N MET C 153 -1.45 -31.92 4.33
CA MET C 153 -0.03 -31.72 4.58
C MET C 153 0.45 -32.46 5.81
N ALA C 154 -0.40 -32.52 6.83
CA ALA C 154 -0.05 -33.24 8.06
C ALA C 154 0.09 -34.74 7.79
N GLU C 155 -0.76 -35.25 6.91
CA GLU C 155 -0.67 -36.65 6.48
C GLU C 155 0.69 -36.94 5.87
N ALA C 156 1.31 -35.89 5.32
CA ALA C 156 2.59 -36.03 4.64
C ALA C 156 3.77 -35.84 5.59
N GLY C 157 3.47 -35.59 6.86
CA GLY C 157 4.51 -35.50 7.88
C GLY C 157 4.75 -34.11 8.44
N VAL C 158 4.12 -33.10 7.83
CA VAL C 158 4.32 -31.72 8.28
C VAL C 158 3.71 -31.46 9.67
N LYS C 159 4.50 -30.86 10.54
CA LYS C 159 4.04 -30.53 11.89
C LYS C 159 4.00 -29.01 12.10
N VAL C 160 4.87 -28.30 11.41
CA VAL C 160 4.97 -26.85 11.57
C VAL C 160 4.38 -26.11 10.38
N PHE C 161 3.33 -25.32 10.64
CA PHE C 161 2.64 -24.55 9.61
C PHE C 161 2.81 -23.05 9.82
N VAL C 162 3.54 -22.40 8.93
CA VAL C 162 3.65 -20.95 8.96
C VAL C 162 2.61 -20.37 8.02
N VAL C 163 1.69 -19.58 8.57
CA VAL C 163 0.57 -19.09 7.80
C VAL C 163 0.54 -17.58 7.68
N HIS C 164 0.79 -17.09 6.46
CA HIS C 164 0.51 -15.71 6.10
C HIS C 164 -1.00 -15.64 6.01
N ALA C 165 -1.62 -14.99 7.00
CA ALA C 165 -3.05 -15.14 7.27
C ALA C 165 -3.96 -14.34 6.34
N ARG C 166 -3.74 -14.49 5.04
CA ARG C 166 -4.59 -13.85 4.05
C ARG C 166 -4.60 -14.68 2.78
N SER C 167 -5.56 -14.41 1.91
CA SER C 167 -5.63 -15.08 0.62
C SER C 167 -4.58 -14.50 -0.32
N ALA C 168 -4.39 -15.17 -1.46
CA ALA C 168 -3.57 -14.62 -2.53
C ALA C 168 -4.44 -14.35 -3.74
N LEU C 169 -4.39 -13.11 -4.23
CA LEU C 169 -5.11 -12.75 -5.44
C LEU C 169 -4.14 -12.69 -6.60
N LEU C 170 -4.12 -13.75 -7.41
CA LEU C 170 -3.09 -13.93 -8.44
C LEU C 170 -3.08 -12.85 -9.52
N ALA C 171 -4.16 -12.08 -9.62
CA ALA C 171 -4.23 -11.01 -10.61
C ALA C 171 -3.51 -9.75 -10.14
N LEU C 172 -3.26 -9.66 -8.83
CA LEU C 172 -2.64 -8.47 -8.25
C LEU C 172 -1.12 -8.59 -8.18
N SER C 173 -0.46 -7.44 -8.00
CA SER C 173 0.99 -7.41 -7.85
C SER C 173 1.39 -8.06 -6.53
N THR C 174 2.68 -8.39 -6.40
CA THR C 174 3.16 -8.98 -5.17
C THR C 174 2.99 -8.02 -3.99
N LYS C 175 3.24 -6.74 -4.23
CA LYS C 175 3.08 -5.73 -3.18
C LYS C 175 1.62 -5.66 -2.74
N ALA C 176 0.71 -5.63 -3.70
CA ALA C 176 -0.71 -5.58 -3.40
C ALA C 176 -1.17 -6.84 -2.66
N ASN C 177 -0.48 -7.94 -2.90
CA ASN C 177 -0.83 -9.21 -2.25
C ASN C 177 -0.42 -9.29 -0.79
N ARG C 178 0.22 -8.25 -0.28
CA ARG C 178 0.51 -8.19 1.16
C ARG C 178 -0.11 -6.93 1.76
N GLU C 179 -1.13 -6.40 1.10
CA GLU C 179 -1.81 -5.20 1.56
C GLU C 179 -3.33 -5.28 1.40
N ILE C 180 -3.78 -5.76 0.25
CA ILE C 180 -5.20 -5.72 -0.10
C ILE C 180 -6.05 -6.85 0.48
N PRO C 181 -5.63 -8.11 0.30
CA PRO C 181 -6.44 -9.20 0.87
C PRO C 181 -6.50 -9.09 2.39
N PRO C 182 -7.70 -9.16 2.97
CA PRO C 182 -7.87 -8.97 4.41
C PRO C 182 -7.23 -10.10 5.24
N LEU C 183 -6.61 -9.72 6.35
CA LEU C 183 -5.99 -10.69 7.24
C LEU C 183 -7.05 -11.37 8.11
N ARG C 184 -6.88 -12.68 8.33
CA ARG C 184 -7.77 -13.43 9.21
C ARG C 184 -6.95 -14.22 10.20
N HIS C 185 -6.25 -13.54 11.09
CA HIS C 185 -5.48 -14.22 12.11
C HIS C 185 -6.35 -15.13 12.97
N ASP C 186 -7.63 -14.79 13.09
CA ASP C 186 -8.55 -15.59 13.89
CA ASP C 186 -8.55 -15.60 13.87
C ASP C 186 -8.62 -17.03 13.35
N TRP C 187 -8.47 -17.18 12.04
CA TRP C 187 -8.49 -18.52 11.44
C TRP C 187 -7.29 -19.34 11.88
N VAL C 188 -6.13 -18.70 12.03
CA VAL C 188 -4.95 -19.41 12.50
C VAL C 188 -5.10 -19.76 13.98
N HIS C 189 -5.65 -18.82 14.75
CA HIS C 189 -5.97 -19.10 16.15
C HIS C 189 -6.88 -20.33 16.22
N ARG C 190 -7.91 -20.35 15.37
CA ARG C 190 -8.86 -21.46 15.35
C ARG C 190 -8.21 -22.78 14.95
N LEU C 191 -7.28 -22.73 14.00
CA LEU C 191 -6.57 -23.94 13.60
C LEU C 191 -5.86 -24.60 14.76
N LYS C 192 -5.21 -23.79 15.60
CA LYS C 192 -4.50 -24.32 16.76
C LYS C 192 -5.50 -24.98 17.72
N GLY C 193 -6.67 -24.37 17.85
CA GLY C 193 -7.73 -24.92 18.68
C GLY C 193 -8.24 -26.25 18.16
N ASP C 194 -8.23 -26.41 16.84
CA ASP C 194 -8.73 -27.63 16.20
C ASP C 194 -7.66 -28.71 16.02
N PHE C 195 -6.40 -28.29 15.90
CA PHE C 195 -5.26 -29.20 15.72
C PHE C 195 -4.21 -28.95 16.79
N PRO C 196 -4.55 -29.19 18.06
CA PRO C 196 -3.64 -28.84 19.15
C PRO C 196 -2.25 -29.46 19.03
N GLN C 197 -2.15 -30.63 18.41
CA GLN C 197 -0.88 -31.34 18.31
C GLN C 197 0.07 -30.71 17.29
N LEU C 198 -0.49 -29.90 16.39
CA LEU C 198 0.30 -29.27 15.34
C LEU C 198 0.81 -27.91 15.79
N THR C 199 1.82 -27.40 15.10
CA THR C 199 2.44 -26.12 15.45
C THR C 199 2.06 -25.06 14.44
N PHE C 200 1.47 -23.96 14.92
CA PHE C 200 1.07 -22.88 14.03
C PHE C 200 1.79 -21.58 14.33
N VAL C 201 2.39 -21.00 13.29
CA VAL C 201 3.06 -19.71 13.36
C VAL C 201 2.29 -18.73 12.48
N THR C 202 1.73 -17.69 13.08
CA THR C 202 0.93 -16.75 12.30
C THR C 202 1.79 -15.62 11.77
N ASN C 203 1.35 -15.02 10.67
CA ASN C 203 2.14 -14.03 9.94
C ASN C 203 1.25 -13.07 9.17
N GLY C 204 1.65 -11.80 9.13
CA GLY C 204 0.94 -10.80 8.34
C GLY C 204 0.59 -9.55 9.12
N GLY C 205 1.28 -8.45 8.79
CA GLY C 205 0.95 -7.15 9.34
C GLY C 205 1.28 -6.94 10.80
N ILE C 206 2.04 -7.85 11.39
CA ILE C 206 2.43 -7.72 12.80
C ILE C 206 3.60 -6.75 12.93
N ARG C 207 3.38 -5.64 13.63
CA ARG C 207 4.28 -4.50 13.56
C ARG C 207 5.21 -4.32 14.76
N SER C 208 4.92 -5.01 15.86
CA SER C 208 5.68 -4.82 17.09
C SER C 208 5.76 -6.11 17.90
N LEU C 209 6.61 -6.11 18.91
CA LEU C 209 6.78 -7.25 19.78
C LEU C 209 5.53 -7.42 20.64
N GLU C 210 4.93 -6.30 21.02
CA GLU C 210 3.71 -6.31 21.80
C GLU C 210 2.60 -7.02 21.05
N GLU C 211 2.49 -6.74 19.74
CA GLU C 211 1.48 -7.38 18.92
C GLU C 211 1.76 -8.87 18.76
N ALA C 212 3.03 -9.21 18.62
CA ALA C 212 3.42 -10.62 18.52
C ALA C 212 3.03 -11.36 19.80
N LEU C 213 3.28 -10.73 20.94
CA LEU C 213 2.94 -11.33 22.24
C LEU C 213 1.45 -11.64 22.35
N PHE C 214 0.62 -10.79 21.75
CA PHE C 214 -0.82 -11.02 21.71
C PHE C 214 -1.14 -12.36 21.04
N HIS C 215 -0.60 -12.57 19.86
CA HIS C 215 -0.86 -13.78 19.10
C HIS C 215 -0.22 -15.01 19.74
N LEU C 216 0.90 -14.80 20.43
CA LEU C 216 1.60 -15.91 21.10
C LEU C 216 0.74 -16.51 22.22
N LYS C 217 -0.31 -15.81 22.61
CA LYS C 217 -1.26 -16.35 23.59
C LYS C 217 -2.22 -17.34 22.92
N ARG C 218 -2.26 -17.32 21.59
CA ARG C 218 -3.23 -18.14 20.85
C ARG C 218 -2.59 -19.16 19.91
N VAL C 219 -1.43 -18.81 19.36
CA VAL C 219 -0.70 -19.74 18.51
C VAL C 219 0.72 -19.97 19.03
N ASP C 220 1.44 -20.89 18.39
CA ASP C 220 2.77 -21.28 18.88
C ASP C 220 3.85 -20.27 18.55
N GLY C 221 3.70 -19.56 17.44
CA GLY C 221 4.73 -18.63 17.02
C GLY C 221 4.24 -17.49 16.15
N VAL C 222 5.09 -16.49 16.00
CA VAL C 222 4.79 -15.33 15.17
C VAL C 222 5.97 -15.04 14.25
N MET C 223 5.67 -14.76 12.99
CA MET C 223 6.70 -14.43 12.01
C MET C 223 6.55 -12.98 11.57
N LEU C 224 7.64 -12.21 11.65
CA LEU C 224 7.64 -10.81 11.25
C LEU C 224 8.55 -10.59 10.04
N GLY C 225 8.04 -9.90 9.04
CA GLY C 225 8.81 -9.60 7.85
C GLY C 225 9.15 -8.11 7.72
N ARG C 226 8.24 -7.36 7.12
CA ARG C 226 8.50 -5.96 6.81
C ARG C 226 8.92 -5.12 8.02
N ALA C 227 8.27 -5.34 9.15
CA ALA C 227 8.59 -4.58 10.36
C ALA C 227 10.06 -4.70 10.74
N VAL C 228 10.62 -5.90 10.56
CA VAL C 228 12.02 -6.15 10.90
C VAL C 228 12.98 -5.47 9.92
N TYR C 229 12.67 -5.53 8.63
CA TYR C 229 13.54 -4.87 7.65
C TYR C 229 13.47 -3.36 7.76
N GLU C 230 12.29 -2.83 8.06
CA GLU C 230 12.11 -1.39 8.22
C GLU C 230 12.82 -0.88 9.47
N ASP C 231 13.01 -1.76 10.44
CA ASP C 231 13.66 -1.41 11.70
C ASP C 231 14.00 -2.67 12.48
N PRO C 232 15.22 -3.20 12.29
CA PRO C 232 15.65 -4.43 12.96
C PRO C 232 15.44 -4.42 14.47
N PHE C 233 15.60 -3.26 15.10
CA PHE C 233 15.46 -3.18 16.55
C PHE C 233 14.01 -3.29 17.03
N VAL C 234 13.10 -3.58 16.11
CA VAL C 234 11.76 -3.97 16.49
C VAL C 234 11.89 -5.25 17.32
N LEU C 235 13.00 -5.95 17.14
CA LEU C 235 13.30 -7.20 17.85
C LEU C 235 14.16 -6.97 19.08
N GLU C 236 14.36 -5.72 19.46
CA GLU C 236 15.27 -5.39 20.57
C GLU C 236 15.00 -6.19 21.84
N GLU C 237 13.73 -6.32 22.21
CA GLU C 237 13.36 -6.99 23.45
C GLU C 237 13.00 -8.46 23.26
N ALA C 238 13.19 -8.97 22.05
CA ALA C 238 12.83 -10.36 21.74
C ALA C 238 13.51 -11.37 22.66
N ASP C 239 14.83 -11.30 22.78
CA ASP C 239 15.58 -12.27 23.56
C ASP C 239 15.09 -12.32 25.01
N ARG C 240 14.79 -11.16 25.57
CA ARG C 240 14.38 -11.06 26.97
C ARG C 240 12.91 -11.44 27.17
N ARG C 241 12.03 -10.88 26.36
CA ARG C 241 10.59 -11.03 26.56
C ARG C 241 9.99 -12.28 25.92
N VAL C 242 10.62 -12.79 24.88
CA VAL C 242 10.15 -14.01 24.23
C VAL C 242 10.98 -15.22 24.64
N PHE C 243 12.30 -15.08 24.61
CA PHE C 243 13.19 -16.22 24.81
C PHE C 243 13.76 -16.32 26.21
N GLY C 244 13.38 -15.39 27.08
CA GLY C 244 13.77 -15.43 28.48
C GLY C 244 15.27 -15.32 28.70
N LEU C 245 15.98 -14.76 27.73
CA LEU C 245 17.41 -14.54 27.86
C LEU C 245 17.68 -13.20 28.56
N PRO C 246 18.80 -13.11 29.29
CA PRO C 246 19.16 -11.88 30.01
C PRO C 246 20.04 -11.00 29.13
N ARG C 247 19.58 -10.75 27.90
CA ARG C 247 20.39 -10.09 26.90
C ARG C 247 19.61 -8.99 26.19
N ARG C 248 20.23 -7.81 26.08
CA ARG C 248 19.61 -6.71 25.36
C ARG C 248 20.65 -6.02 24.47
N PRO C 249 20.42 -6.06 23.15
CA PRO C 249 21.37 -5.52 22.18
C PRO C 249 21.43 -4.00 22.18
N SER C 250 22.52 -3.47 21.64
CA SER C 250 22.68 -2.03 21.48
C SER C 250 22.92 -1.73 20.00
N ARG C 251 22.26 -0.70 19.49
CA ARG C 251 22.42 -0.33 18.08
C ARG C 251 23.88 -0.09 17.73
N LEU C 252 24.62 0.54 18.64
CA LEU C 252 26.02 0.87 18.41
C LEU C 252 26.87 -0.39 18.43
N GLU C 253 26.54 -1.31 19.34
CA GLU C 253 27.25 -2.58 19.43
C GLU C 253 27.01 -3.41 18.18
N VAL C 254 25.77 -3.42 17.70
CA VAL C 254 25.43 -4.16 16.49
C VAL C 254 26.16 -3.56 15.28
N ALA C 255 26.18 -2.23 15.23
CA ALA C 255 26.87 -1.52 14.14
C ALA C 255 28.36 -1.83 14.13
N ARG C 256 28.96 -1.89 15.31
CA ARG C 256 30.38 -2.21 15.43
C ARG C 256 30.65 -3.64 14.99
N ARG C 257 29.73 -4.54 15.32
CA ARG C 257 29.86 -5.93 14.90
C ARG C 257 29.74 -6.03 13.38
N MET C 258 28.85 -5.24 12.80
CA MET C 258 28.67 -5.24 11.35
C MET C 258 29.90 -4.72 10.62
N ARG C 259 30.68 -3.85 11.28
CA ARG C 259 31.90 -3.33 10.67
C ARG C 259 32.95 -4.43 10.54
N ALA C 260 33.14 -5.18 11.61
CA ALA C 260 34.08 -6.30 11.61
C ALA C 260 33.62 -7.35 10.61
N TYR C 261 32.30 -7.53 10.52
CA TYR C 261 31.71 -8.44 9.56
C TYR C 261 31.97 -7.96 8.13
N LEU C 262 31.84 -6.66 7.92
CA LEU C 262 32.03 -6.06 6.60
C LEU C 262 33.46 -6.24 6.12
N GLU C 263 34.42 -6.11 7.03
CA GLU C 263 35.83 -6.24 6.68
C GLU C 263 36.15 -7.66 6.23
N GLU C 264 35.56 -8.64 6.91
CA GLU C 264 35.74 -10.05 6.55
C GLU C 264 35.19 -10.33 5.16
N GLU C 265 33.98 -9.83 4.90
CA GLU C 265 33.31 -10.04 3.62
C GLU C 265 34.05 -9.38 2.46
N VAL C 266 34.49 -8.14 2.66
CA VAL C 266 35.25 -7.44 1.63
C VAL C 266 36.51 -8.22 1.28
N LEU C 267 37.11 -8.84 2.29
CA LEU C 267 38.30 -9.64 2.12
C LEU C 267 38.12 -10.72 1.05
N LYS C 268 36.96 -11.38 1.07
CA LYS C 268 36.71 -12.48 0.15
C LYS C 268 35.89 -12.09 -1.09
N GLY C 269 35.89 -10.80 -1.41
CA GLY C 269 35.32 -10.33 -2.67
C GLY C 269 33.91 -9.77 -2.60
N THR C 270 33.27 -9.83 -1.44
CA THR C 270 31.93 -9.30 -1.28
C THR C 270 31.93 -7.78 -1.45
N PRO C 271 31.08 -7.27 -2.36
CA PRO C 271 30.91 -5.82 -2.54
C PRO C 271 30.36 -5.19 -1.26
N PRO C 272 30.98 -4.08 -0.83
CA PRO C 272 30.58 -3.42 0.42
C PRO C 272 29.09 -3.11 0.49
N TRP C 273 28.52 -2.71 -0.64
CA TRP C 273 27.12 -2.32 -0.69
C TRP C 273 26.18 -3.49 -0.45
N ALA C 274 26.63 -4.71 -0.73
CA ALA C 274 25.84 -5.90 -0.48
C ALA C 274 25.54 -6.04 1.01
N VAL C 275 26.41 -5.49 1.84
CA VAL C 275 26.23 -5.52 3.28
C VAL C 275 25.58 -4.24 3.78
N LEU C 276 26.11 -3.11 3.32
CA LEU C 276 25.67 -1.79 3.79
C LEU C 276 24.21 -1.48 3.46
N ARG C 277 23.74 -1.95 2.31
CA ARG C 277 22.37 -1.65 1.89
C ARG C 277 21.34 -2.20 2.87
N HIS C 278 21.76 -3.15 3.69
CA HIS C 278 20.87 -3.75 4.70
C HIS C 278 21.05 -3.12 6.08
N MET C 279 21.88 -2.08 6.16
CA MET C 279 22.19 -1.46 7.44
C MET C 279 21.58 -0.07 7.57
N LEU C 280 20.83 0.33 6.55
CA LEU C 280 20.32 1.70 6.46
C LEU C 280 19.29 2.03 7.54
N ASN C 281 18.57 1.01 8.02
CA ASN C 281 17.52 1.24 8.99
C ASN C 281 17.90 0.92 10.43
N LEU C 282 19.20 0.73 10.67
CA LEU C 282 19.69 0.36 11.99
C LEU C 282 19.33 1.41 13.05
N PHE C 283 19.28 2.67 12.63
CA PHE C 283 18.98 3.76 13.56
C PHE C 283 17.66 4.46 13.22
N ARG C 284 16.72 3.69 12.67
CA ARG C 284 15.39 4.20 12.34
C ARG C 284 14.76 4.89 13.54
N GLY C 285 14.26 6.10 13.34
CA GLY C 285 13.56 6.83 14.38
C GLY C 285 14.44 7.25 15.55
N ARG C 286 15.75 7.12 15.37
CA ARG C 286 16.71 7.53 16.41
C ARG C 286 17.35 8.86 16.03
N PRO C 287 17.90 9.56 17.02
CA PRO C 287 18.64 10.81 16.71
C PRO C 287 19.74 10.55 15.70
N LYS C 288 19.82 11.38 14.66
CA LYS C 288 20.87 11.26 13.65
C LYS C 288 20.69 10.04 12.75
N GLY C 289 19.54 9.38 12.88
CA GLY C 289 19.25 8.19 12.10
C GLY C 289 19.24 8.45 10.60
N ARG C 290 18.78 9.62 10.20
CA ARG C 290 18.71 9.98 8.79
C ARG C 290 20.08 10.24 8.19
N LEU C 291 20.95 10.91 8.94
CA LEU C 291 22.32 11.14 8.49
C LEU C 291 23.06 9.81 8.37
N TRP C 292 22.78 8.88 9.29
CA TRP C 292 23.32 7.54 9.23
C TRP C 292 22.99 6.89 7.88
N ARG C 293 21.71 6.88 7.53
CA ARG C 293 21.26 6.34 6.26
C ARG C 293 21.94 7.05 5.09
N ARG C 294 21.96 8.38 5.17
CA ARG C 294 22.58 9.21 4.14
C ARG C 294 24.05 8.85 3.92
N LEU C 295 24.83 8.82 5.00
CA LEU C 295 26.26 8.53 4.91
C LEU C 295 26.53 7.18 4.25
N LEU C 296 25.79 6.16 4.63
CA LEU C 296 25.98 4.83 4.07
C LEU C 296 25.53 4.75 2.61
N SER C 297 24.40 5.38 2.30
CA SER C 297 23.84 5.33 0.94
C SER C 297 24.67 6.15 -0.05
N GLU C 298 25.33 7.19 0.45
CA GLU C 298 26.16 8.04 -0.39
C GLU C 298 27.54 7.44 -0.58
N GLY C 299 28.20 7.10 0.53
CA GLY C 299 29.55 6.58 0.49
C GLY C 299 29.65 5.13 0.04
N ARG C 300 28.78 4.30 0.56
CA ARG C 300 28.72 2.88 0.17
C ARG C 300 30.08 2.19 0.33
N SER C 301 30.78 2.51 1.42
CA SER C 301 32.12 1.97 1.64
C SER C 301 32.43 1.84 3.12
N LEU C 302 33.49 1.08 3.43
CA LEU C 302 33.94 0.92 4.80
C LEU C 302 34.30 2.27 5.40
N GLN C 303 34.88 3.15 4.58
CA GLN C 303 35.24 4.48 5.05
C GLN C 303 34.00 5.27 5.42
N ALA C 304 32.93 5.10 4.65
CA ALA C 304 31.67 5.77 4.95
C ALA C 304 31.08 5.25 6.26
N LEU C 305 31.17 3.94 6.46
CA LEU C 305 30.70 3.32 7.71
C LEU C 305 31.47 3.84 8.91
N ASP C 306 32.78 4.05 8.73
CA ASP C 306 33.61 4.59 9.81
C ASP C 306 33.19 6.00 10.20
N ARG C 307 32.80 6.80 9.20
CA ARG C 307 32.29 8.14 9.48
C ARG C 307 30.99 8.07 10.27
N ALA C 308 30.09 7.19 9.83
CA ALA C 308 28.79 7.04 10.48
C ALA C 308 28.95 6.53 11.91
N LEU C 309 29.92 5.64 12.12
CA LEU C 309 30.17 5.10 13.46
C LEU C 309 30.65 6.18 14.43
N ARG C 310 31.57 7.03 13.97
CA ARG C 310 32.04 8.14 14.79
C ARG C 310 30.89 9.08 15.12
N LEU C 311 30.00 9.28 14.15
CA LEU C 311 28.82 10.10 14.36
C LEU C 311 27.93 9.54 15.47
N MET C 312 27.87 8.22 15.56
CA MET C 312 26.96 7.55 16.48
C MET C 312 27.61 7.12 17.79
N GLU C 313 28.94 7.21 17.86
CA GLU C 313 29.67 6.75 19.04
C GLU C 313 29.22 7.49 20.30
N LEU D 2 -26.54 19.05 -12.74
CA LEU D 2 -25.16 19.10 -12.25
C LEU D 2 -24.80 20.51 -11.79
N ASP D 3 -24.58 20.66 -10.50
CA ASP D 3 -24.18 21.94 -9.92
C ASP D 3 -22.66 22.01 -9.83
N PRO D 4 -22.02 22.84 -10.66
CA PRO D 4 -20.57 22.83 -10.77
C PRO D 4 -19.87 23.87 -9.89
N ARG D 5 -20.62 24.60 -9.06
CA ARG D 5 -20.07 25.77 -8.36
C ARG D 5 -18.89 25.46 -7.44
N LEU D 6 -18.94 24.35 -6.70
CA LEU D 6 -17.87 24.02 -5.78
C LEU D 6 -17.66 22.52 -5.67
N SER D 7 -16.39 22.10 -5.70
CA SER D 7 -16.07 20.69 -5.59
C SER D 7 -14.78 20.48 -4.81
N VAL D 8 -14.63 19.28 -4.24
CA VAL D 8 -13.38 18.87 -3.63
C VAL D 8 -12.61 18.04 -4.66
N ALA D 9 -11.33 18.37 -4.84
CA ALA D 9 -10.53 17.73 -5.88
C ALA D 9 -10.36 16.24 -5.62
N PRO D 10 -10.30 15.44 -6.68
CA PRO D 10 -9.90 14.04 -6.55
C PRO D 10 -8.46 13.98 -6.08
N MET D 11 -8.20 13.16 -5.06
CA MET D 11 -6.84 13.06 -4.52
C MET D 11 -6.55 11.64 -4.05
N VAL D 12 -5.70 10.96 -4.81
CA VAL D 12 -5.25 9.61 -4.46
C VAL D 12 -4.76 9.57 -3.01
N ASP D 13 -5.25 8.59 -2.27
CA ASP D 13 -4.87 8.37 -0.87
C ASP D 13 -5.44 9.43 0.08
N ARG D 14 -6.38 10.23 -0.41
CA ARG D 14 -7.04 11.23 0.41
C ARG D 14 -8.56 11.10 0.30
N THR D 15 -9.08 11.28 -0.91
CA THR D 15 -10.53 11.31 -1.11
C THR D 15 -11.14 9.93 -1.30
N ASP D 16 -10.84 9.01 -0.39
CA ASP D 16 -11.56 7.74 -0.34
C ASP D 16 -12.90 7.97 0.34
N ARG D 17 -13.72 6.94 0.44
CA ARG D 17 -15.08 7.11 0.95
C ARG D 17 -15.13 7.65 2.39
N HIS D 18 -14.06 7.42 3.15
CA HIS D 18 -14.02 7.87 4.54
C HIS D 18 -13.88 9.39 4.64
N PHE D 19 -12.90 9.94 3.93
CA PHE D 19 -12.70 11.39 3.94
C PHE D 19 -13.86 12.10 3.25
N ARG D 20 -14.38 11.51 2.18
CA ARG D 20 -15.50 12.10 1.45
C ARG D 20 -16.71 12.23 2.37
N PHE D 21 -16.95 11.19 3.17
CA PHE D 21 -18.06 11.21 4.11
C PHE D 21 -17.90 12.38 5.09
N LEU D 22 -16.68 12.56 5.58
CA LEU D 22 -16.38 13.64 6.50
C LEU D 22 -16.67 15.01 5.87
N VAL D 23 -16.22 15.19 4.63
CA VAL D 23 -16.44 16.43 3.92
C VAL D 23 -17.93 16.72 3.75
N ARG D 24 -18.69 15.67 3.45
CA ARG D 24 -20.13 15.80 3.25
C ARG D 24 -20.82 16.28 4.53
N GLN D 25 -20.19 16.03 5.68
CA GLN D 25 -20.73 16.50 6.95
C GLN D 25 -20.48 18.00 7.11
N VAL D 26 -19.46 18.51 6.42
CA VAL D 26 -19.13 19.92 6.49
C VAL D 26 -19.98 20.72 5.49
N SER D 27 -20.08 20.20 4.28
CA SER D 27 -20.88 20.85 3.24
C SER D 27 -21.78 19.87 2.51
N LEU D 28 -23.09 20.11 2.57
CA LEU D 28 -24.04 19.28 1.88
C LEU D 28 -23.99 19.53 0.37
N GLY D 29 -23.62 20.75 -0.01
CA GLY D 29 -23.68 21.16 -1.40
C GLY D 29 -22.46 20.81 -2.24
N VAL D 30 -21.30 20.73 -1.61
CA VAL D 30 -20.06 20.53 -2.36
C VAL D 30 -20.04 19.20 -3.12
N ARG D 31 -19.59 19.25 -4.37
CA ARG D 31 -19.50 18.06 -5.21
C ARG D 31 -18.25 17.25 -4.84
N LEU D 32 -18.42 15.93 -4.72
CA LEU D 32 -17.31 15.07 -4.33
C LEU D 32 -16.75 14.28 -5.51
N TYR D 33 -15.45 14.04 -5.46
CA TYR D 33 -14.74 13.26 -6.49
C TYR D 33 -13.95 12.13 -5.85
N THR D 34 -14.01 10.94 -6.44
CA THR D 34 -13.22 9.82 -5.95
C THR D 34 -11.75 10.04 -6.28
N GLU D 35 -10.89 9.25 -5.66
CA GLU D 35 -9.49 9.18 -6.07
C GLU D 35 -9.48 8.74 -7.52
N MET D 36 -8.42 9.09 -8.25
CA MET D 36 -8.22 8.53 -9.58
C MET D 36 -8.32 7.02 -9.49
N THR D 37 -9.13 6.43 -10.36
CA THR D 37 -9.32 4.98 -10.37
C THR D 37 -9.02 4.42 -11.75
N VAL D 38 -7.94 3.64 -11.84
CA VAL D 38 -7.53 3.09 -13.13
C VAL D 38 -8.57 2.13 -13.69
N ASP D 39 -8.86 2.25 -14.97
CA ASP D 39 -9.93 1.47 -15.58
C ASP D 39 -9.76 -0.04 -15.44
N GLN D 40 -8.52 -0.51 -15.58
CA GLN D 40 -8.25 -1.94 -15.49
C GLN D 40 -8.61 -2.51 -14.13
N ALA D 41 -8.48 -1.68 -13.09
CA ALA D 41 -8.83 -2.10 -11.74
C ALA D 41 -10.34 -2.26 -11.59
N VAL D 42 -11.08 -1.35 -12.21
CA VAL D 42 -12.54 -1.41 -12.18
C VAL D 42 -13.04 -2.67 -12.90
N LEU D 43 -12.43 -2.98 -14.04
CA LEU D 43 -12.87 -4.09 -14.87
C LEU D 43 -12.53 -5.45 -14.25
N ARG D 44 -11.29 -5.59 -13.78
CA ARG D 44 -10.78 -6.89 -13.34
C ARG D 44 -10.81 -7.07 -11.81
N GLY D 45 -10.82 -5.97 -11.08
CA GLY D 45 -10.66 -6.01 -9.63
C GLY D 45 -11.94 -6.11 -8.82
N ASN D 46 -11.82 -5.85 -7.53
CA ASN D 46 -12.95 -5.91 -6.60
C ASN D 46 -13.77 -4.63 -6.66
N ARG D 47 -14.81 -4.64 -7.47
CA ARG D 47 -15.60 -3.45 -7.74
C ARG D 47 -16.23 -2.85 -6.49
N GLU D 48 -16.75 -3.69 -5.60
CA GLU D 48 -17.32 -3.22 -4.35
C GLU D 48 -16.30 -2.42 -3.54
N ARG D 49 -15.12 -3.01 -3.37
CA ARG D 49 -14.05 -2.34 -2.62
C ARG D 49 -13.62 -1.03 -3.26
N LEU D 50 -13.52 -1.02 -4.58
CA LEU D 50 -13.03 0.15 -5.30
C LEU D 50 -14.09 1.24 -5.49
N LEU D 51 -15.34 0.83 -5.62
CA LEU D 51 -16.39 1.76 -6.06
C LEU D 51 -17.48 2.06 -5.05
N ALA D 52 -17.68 1.18 -4.06
CA ALA D 52 -18.78 1.36 -3.11
C ALA D 52 -18.73 2.73 -2.43
N PHE D 53 -19.89 3.33 -2.26
CA PHE D 53 -19.99 4.61 -1.55
C PHE D 53 -21.36 4.77 -0.91
N ARG D 54 -21.45 5.67 0.05
CA ARG D 54 -22.72 5.91 0.75
C ARG D 54 -23.57 6.93 0.00
N PRO D 55 -24.89 6.70 -0.05
CA PRO D 55 -25.82 7.58 -0.76
C PRO D 55 -25.66 9.03 -0.31
N GLU D 56 -25.31 9.22 0.96
CA GLU D 56 -25.10 10.55 1.52
C GLU D 56 -24.05 11.34 0.74
N GLU D 57 -23.15 10.63 0.08
CA GLU D 57 -22.06 11.27 -0.66
C GLU D 57 -22.51 11.98 -1.93
N HIS D 58 -23.72 11.70 -2.40
CA HIS D 58 -24.27 12.44 -3.54
C HIS D 58 -24.28 13.93 -3.20
N PRO D 59 -23.95 14.80 -4.17
CA PRO D 59 -23.51 14.46 -5.54
C PRO D 59 -22.04 14.03 -5.56
N ILE D 60 -21.75 12.97 -6.31
CA ILE D 60 -20.40 12.44 -6.36
C ILE D 60 -20.04 11.93 -7.75
N ALA D 61 -18.80 12.21 -8.16
CA ALA D 61 -18.30 11.79 -9.46
C ALA D 61 -17.18 10.76 -9.33
N LEU D 62 -17.20 9.77 -10.21
CA LEU D 62 -16.12 8.78 -10.26
C LEU D 62 -15.10 9.23 -11.29
N GLN D 63 -13.84 9.33 -10.88
CA GLN D 63 -12.79 9.64 -11.84
C GLN D 63 -12.06 8.39 -12.32
N LEU D 64 -11.99 8.23 -13.63
CA LEU D 64 -11.30 7.10 -14.23
C LEU D 64 -10.03 7.54 -14.94
N ALA D 65 -9.03 6.68 -14.93
CA ALA D 65 -7.83 6.89 -15.72
C ALA D 65 -7.67 5.71 -16.68
N GLY D 66 -7.11 5.98 -17.85
CA GLY D 66 -6.93 4.93 -18.85
C GLY D 66 -6.61 5.52 -20.21
N SER D 67 -6.34 4.66 -21.18
CA SER D 67 -5.98 5.12 -22.52
C SER D 67 -6.77 4.40 -23.62
N ASP D 68 -7.46 3.33 -23.25
CA ASP D 68 -8.21 2.55 -24.24
C ASP D 68 -9.71 2.85 -24.19
N PRO D 69 -10.26 3.32 -25.31
CA PRO D 69 -11.68 3.71 -25.44
C PRO D 69 -12.67 2.67 -24.92
N LYS D 70 -12.57 1.43 -25.38
CA LYS D 70 -13.56 0.42 -25.00
C LYS D 70 -13.44 0.03 -23.52
N SER D 71 -12.20 0.05 -23.01
CA SER D 71 -11.97 -0.25 -21.60
C SER D 71 -12.53 0.83 -20.70
N LEU D 72 -12.31 2.08 -21.07
CA LEU D 72 -12.84 3.21 -20.31
C LEU D 72 -14.36 3.31 -20.41
N ALA D 73 -14.89 2.95 -21.57
CA ALA D 73 -16.34 2.98 -21.78
C ALA D 73 -17.03 1.98 -20.85
N GLU D 74 -16.47 0.78 -20.78
CA GLU D 74 -17.01 -0.26 -19.92
C GLU D 74 -16.88 0.10 -18.44
N ALA D 75 -15.72 0.64 -18.06
CA ALA D 75 -15.52 1.07 -16.68
C ALA D 75 -16.50 2.17 -16.32
N ALA D 76 -16.79 3.05 -17.28
CA ALA D 76 -17.76 4.11 -17.07
C ALA D 76 -19.15 3.54 -16.86
N ARG D 77 -19.49 2.54 -17.66
CA ARG D 77 -20.77 1.86 -17.53
C ARG D 77 -20.92 1.26 -16.14
N ILE D 78 -19.85 0.63 -15.67
CA ILE D 78 -19.82 0.04 -14.33
C ILE D 78 -19.97 1.12 -13.27
N GLY D 79 -19.27 2.23 -13.45
CA GLY D 79 -19.39 3.36 -12.56
C GLY D 79 -20.81 3.86 -12.48
N GLU D 80 -21.43 4.03 -13.64
CA GLU D 80 -22.83 4.45 -13.73
C GLU D 80 -23.73 3.50 -12.95
N ALA D 81 -23.48 2.20 -13.12
CA ALA D 81 -24.30 1.18 -12.48
C ALA D 81 -24.20 1.25 -10.96
N PHE D 82 -23.06 1.71 -10.45
CA PHE D 82 -22.85 1.87 -9.02
C PHE D 82 -23.57 3.10 -8.47
N GLY D 83 -24.05 3.96 -9.36
CA GLY D 83 -24.86 5.09 -8.96
C GLY D 83 -24.18 6.45 -9.00
N TYR D 84 -22.94 6.50 -9.47
CA TYR D 84 -22.23 7.77 -9.58
C TYR D 84 -22.98 8.76 -10.48
N ASP D 85 -22.93 10.04 -10.11
CA ASP D 85 -23.69 11.07 -10.82
C ASP D 85 -22.95 11.57 -12.05
N GLU D 86 -21.68 11.24 -12.14
CA GLU D 86 -20.81 11.78 -13.17
C GLU D 86 -19.60 10.87 -13.36
N ILE D 87 -19.15 10.73 -14.60
CA ILE D 87 -17.92 10.01 -14.88
C ILE D 87 -16.88 11.00 -15.38
N ASN D 88 -15.83 11.19 -14.59
CA ASN D 88 -14.79 12.16 -14.91
C ASN D 88 -13.55 11.48 -15.46
N LEU D 89 -13.03 11.98 -16.57
CA LEU D 89 -11.83 11.40 -17.18
C LEU D 89 -10.59 12.18 -16.74
N ASN D 90 -9.64 11.46 -16.15
CA ASN D 90 -8.37 12.05 -15.75
C ASN D 90 -7.51 12.36 -16.97
N LEU D 91 -7.23 13.65 -17.18
CA LEU D 91 -6.32 14.09 -18.22
C LEU D 91 -5.21 14.95 -17.63
N GLY D 92 -4.91 14.74 -16.36
CA GLY D 92 -3.96 15.59 -15.66
C GLY D 92 -2.85 14.90 -14.87
N CYS D 93 -2.98 13.61 -14.64
CA CYS D 93 -1.98 12.92 -13.81
C CYS D 93 -0.63 12.84 -14.52
N PRO D 94 0.43 13.33 -13.86
CA PRO D 94 1.78 13.34 -14.43
C PRO D 94 2.67 12.27 -13.82
N SER D 95 2.09 11.29 -13.13
CA SER D 95 2.87 10.29 -12.40
C SER D 95 3.70 9.38 -13.31
N GLU D 96 4.64 8.65 -12.71
CA GLU D 96 5.45 7.69 -13.44
C GLU D 96 4.59 6.60 -14.06
N LYS D 97 3.64 6.09 -13.29
CA LYS D 97 2.76 5.03 -13.78
C LYS D 97 1.84 5.52 -14.88
N ALA D 98 1.39 6.77 -14.78
CA ALA D 98 0.60 7.38 -15.83
C ALA D 98 1.40 7.42 -17.12
N GLN D 99 2.68 7.78 -17.01
CA GLN D 99 3.54 7.86 -18.18
C GLN D 99 3.81 6.49 -18.78
N GLU D 100 3.92 5.49 -17.90
CA GLU D 100 4.15 4.11 -18.36
C GLU D 100 2.90 3.53 -19.00
N GLY D 101 1.74 3.85 -18.44
CA GLY D 101 0.48 3.33 -18.93
C GLY D 101 -0.17 4.20 -19.97
N GLY D 102 0.47 5.32 -20.29
CA GLY D 102 -0.04 6.24 -21.28
C GLY D 102 -1.39 6.87 -20.95
N TYR D 103 -1.66 7.07 -19.67
CA TYR D 103 -2.89 7.75 -19.26
C TYR D 103 -2.61 9.08 -18.56
N GLY D 104 -3.69 9.75 -18.13
CA GLY D 104 -3.55 11.03 -17.47
C GLY D 104 -3.09 12.13 -18.41
N ALA D 105 -2.15 12.95 -17.94
CA ALA D 105 -1.71 14.13 -18.68
C ALA D 105 -1.11 13.80 -20.04
N CYS D 106 -0.50 12.63 -20.17
N CYS D 106 -0.49 12.63 -20.14
CA CYS D 106 0.19 12.31 -21.43
CA CYS D 106 0.16 12.18 -21.37
C CYS D 106 -0.79 12.08 -22.58
C CYS D 106 -0.81 12.23 -22.55
N LEU D 107 -2.07 11.95 -22.28
CA LEU D 107 -3.09 11.86 -23.33
C LEU D 107 -3.27 13.18 -24.07
N LEU D 108 -2.88 14.28 -23.43
CA LEU D 108 -3.02 15.59 -24.04
C LEU D 108 -2.17 15.72 -25.31
N LEU D 109 -1.24 14.80 -25.49
CA LEU D 109 -0.42 14.76 -26.70
C LEU D 109 -1.19 14.21 -27.89
N ASP D 110 -2.31 13.53 -27.61
CA ASP D 110 -3.03 12.79 -28.62
C ASP D 110 -4.52 13.14 -28.60
N LEU D 111 -4.88 14.29 -29.16
CA LEU D 111 -6.27 14.73 -29.16
C LEU D 111 -7.21 13.74 -29.84
N ALA D 112 -6.72 13.11 -30.91
CA ALA D 112 -7.51 12.11 -31.62
C ALA D 112 -7.95 11.00 -30.67
N ARG D 113 -7.01 10.52 -29.86
CA ARG D 113 -7.30 9.45 -28.91
C ARG D 113 -8.27 9.93 -27.81
N VAL D 114 -8.07 11.15 -27.33
CA VAL D 114 -8.93 11.71 -26.30
C VAL D 114 -10.38 11.79 -26.80
N ARG D 115 -10.55 12.27 -28.02
CA ARG D 115 -11.89 12.40 -28.61
C ARG D 115 -12.54 11.03 -28.79
N GLU D 116 -11.73 10.05 -29.19
CA GLU D 116 -12.20 8.69 -29.37
C GLU D 116 -12.64 8.09 -28.04
N ILE D 117 -11.82 8.29 -27.01
CA ILE D 117 -12.16 7.84 -25.67
C ILE D 117 -13.49 8.44 -25.19
N LEU D 118 -13.60 9.76 -25.32
CA LEU D 118 -14.77 10.47 -24.82
C LEU D 118 -16.05 10.07 -25.54
N LYS D 119 -15.96 9.88 -26.85
CA LYS D 119 -17.12 9.44 -27.64
C LYS D 119 -17.59 8.08 -27.14
N ALA D 120 -16.64 7.16 -26.94
CA ALA D 120 -16.97 5.82 -26.46
C ALA D 120 -17.61 5.86 -25.07
N MET D 121 -17.03 6.65 -24.17
CA MET D 121 -17.57 6.78 -22.83
C MET D 121 -18.97 7.39 -22.87
N GLY D 122 -19.14 8.44 -23.66
CA GLY D 122 -20.40 9.13 -23.77
C GLY D 122 -21.53 8.29 -24.32
N GLU D 123 -21.19 7.33 -25.17
CA GLU D 123 -22.17 6.42 -25.75
C GLU D 123 -22.49 5.28 -24.80
N ALA D 124 -21.66 5.11 -23.76
CA ALA D 124 -21.81 4.00 -22.84
C ALA D 124 -22.66 4.35 -21.61
N VAL D 125 -22.76 5.63 -21.31
CA VAL D 125 -23.50 6.08 -20.13
C VAL D 125 -24.42 7.25 -20.43
N ARG D 126 -25.42 7.46 -19.56
CA ARG D 126 -26.34 8.58 -19.71
C ARG D 126 -25.97 9.74 -18.79
N VAL D 127 -25.23 9.45 -17.73
CA VAL D 127 -24.76 10.49 -16.83
C VAL D 127 -23.67 11.31 -17.52
N PRO D 128 -23.45 12.56 -17.06
CA PRO D 128 -22.45 13.42 -17.67
C PRO D 128 -21.05 12.80 -17.68
N VAL D 129 -20.38 12.88 -18.82
CA VAL D 129 -18.96 12.56 -18.90
C VAL D 129 -18.19 13.87 -18.95
N THR D 130 -17.29 14.05 -18.00
CA THR D 130 -16.56 15.30 -17.83
C THR D 130 -15.06 15.03 -17.92
N VAL D 131 -14.26 16.10 -17.90
CA VAL D 131 -12.82 15.93 -17.87
C VAL D 131 -12.17 16.80 -16.80
N LYS D 132 -11.04 16.32 -16.27
CA LYS D 132 -10.17 17.15 -15.46
C LYS D 132 -8.81 17.15 -16.16
N MET D 133 -8.36 18.34 -16.52
CA MET D 133 -7.18 18.48 -17.37
C MET D 133 -6.21 19.51 -16.82
N ARG D 134 -5.05 19.59 -17.45
CA ARG D 134 -4.12 20.68 -17.18
C ARG D 134 -4.12 21.61 -18.39
N LEU D 135 -3.38 22.71 -18.28
CA LEU D 135 -3.32 23.68 -19.37
C LEU D 135 -2.51 23.15 -20.54
N GLY D 136 -1.66 22.16 -20.27
CA GLY D 136 -0.82 21.59 -21.30
C GLY D 136 0.33 20.77 -20.75
N LEU D 137 1.34 20.55 -21.59
CA LEU D 137 2.44 19.67 -21.25
C LEU D 137 3.80 20.34 -21.49
N GLU D 138 4.73 20.10 -20.58
CA GLU D 138 6.11 20.56 -20.71
C GLU D 138 6.26 22.07 -20.78
N GLY D 139 5.30 22.80 -20.20
CA GLY D 139 5.34 24.25 -20.19
C GLY D 139 5.33 24.86 -21.58
N LYS D 140 4.88 24.09 -22.56
CA LYS D 140 4.87 24.56 -23.95
C LYS D 140 3.46 24.85 -24.45
N GLU D 141 2.52 24.94 -23.53
CA GLU D 141 1.13 25.19 -23.88
C GLU D 141 0.93 26.58 -24.48
N THR D 142 -0.03 26.67 -25.39
CA THR D 142 -0.43 27.96 -25.95
C THR D 142 -1.93 28.08 -25.75
N TYR D 143 -2.45 29.30 -25.78
CA TYR D 143 -3.88 29.48 -25.59
C TYR D 143 -4.65 28.84 -26.75
N ARG D 144 -4.13 28.97 -27.97
CA ARG D 144 -4.76 28.36 -29.13
C ARG D 144 -4.77 26.83 -29.03
N GLY D 145 -3.69 26.26 -28.50
CA GLY D 145 -3.62 24.84 -28.27
C GLY D 145 -4.64 24.39 -27.24
N LEU D 146 -4.76 25.16 -26.16
CA LEU D 146 -5.73 24.86 -25.12
C LEU D 146 -7.16 24.93 -25.68
N ALA D 147 -7.46 25.99 -26.41
CA ALA D 147 -8.78 26.17 -27.01
C ALA D 147 -9.08 25.03 -27.99
N GLN D 148 -8.08 24.64 -28.74
CA GLN D 148 -8.21 23.54 -29.69
C GLN D 148 -8.55 22.23 -28.96
N SER D 149 -7.94 22.01 -27.80
CA SER D 149 -8.20 20.81 -27.03
C SER D 149 -9.62 20.82 -26.45
N VAL D 150 -10.07 21.98 -26.00
CA VAL D 150 -11.44 22.13 -25.51
C VAL D 150 -12.46 21.87 -26.61
N GLU D 151 -12.16 22.37 -27.81
CA GLU D 151 -13.03 22.16 -28.97
C GLU D 151 -13.13 20.68 -29.33
N ALA D 152 -11.99 19.99 -29.34
CA ALA D 152 -11.95 18.57 -29.67
C ALA D 152 -12.81 17.77 -28.71
N MET D 153 -12.68 18.06 -27.42
CA MET D 153 -13.44 17.35 -26.40
C MET D 153 -14.92 17.73 -26.43
N ALA D 154 -15.20 19.00 -26.69
CA ALA D 154 -16.58 19.47 -26.78
C ALA D 154 -17.33 18.78 -27.91
N GLU D 155 -16.67 18.54 -29.04
CA GLU D 155 -17.31 17.86 -30.15
C GLU D 155 -17.53 16.38 -29.84
N ALA D 156 -16.82 15.88 -28.83
CA ALA D 156 -17.02 14.51 -28.35
C ALA D 156 -18.16 14.44 -27.33
N GLY D 157 -18.70 15.61 -26.98
CA GLY D 157 -19.86 15.67 -26.11
C GLY D 157 -19.60 16.22 -24.71
N VAL D 158 -18.35 16.54 -24.42
CA VAL D 158 -18.02 17.08 -23.10
C VAL D 158 -18.53 18.50 -22.93
N LYS D 159 -19.18 18.76 -21.80
CA LYS D 159 -19.70 20.10 -21.50
C LYS D 159 -18.98 20.70 -20.30
N VAL D 160 -18.53 19.83 -19.39
CA VAL D 160 -17.90 20.28 -18.15
C VAL D 160 -16.40 20.06 -18.15
N PHE D 161 -15.66 21.15 -18.01
CA PHE D 161 -14.20 21.11 -18.04
C PHE D 161 -13.62 21.59 -16.71
N VAL D 162 -13.03 20.64 -15.97
CA VAL D 162 -12.30 20.98 -14.76
C VAL D 162 -10.84 21.19 -15.11
N VAL D 163 -10.35 22.40 -14.88
CA VAL D 163 -9.00 22.74 -15.32
C VAL D 163 -8.08 23.08 -14.15
N HIS D 164 -7.10 22.21 -13.92
CA HIS D 164 -5.98 22.51 -13.03
C HIS D 164 -5.11 23.47 -13.82
N ALA D 165 -5.13 24.74 -13.40
CA ALA D 165 -4.68 25.85 -14.26
C ALA D 165 -3.17 25.99 -14.37
N ARG D 166 -2.50 24.90 -14.70
CA ARG D 166 -1.06 24.93 -14.92
C ARG D 166 -0.64 23.83 -15.88
N SER D 167 0.59 23.91 -16.36
CA SER D 167 1.15 22.86 -17.21
C SER D 167 1.59 21.68 -16.36
N ALA D 168 1.93 20.57 -17.02
CA ALA D 168 2.54 19.44 -16.35
C ALA D 168 3.94 19.21 -16.91
N LEU D 169 4.94 19.21 -16.03
CA LEU D 169 6.31 18.92 -16.45
C LEU D 169 6.63 17.48 -16.09
N LEU D 170 6.56 16.61 -17.08
CA LEU D 170 6.63 15.16 -16.85
C LEU D 170 7.96 14.68 -16.26
N ALA D 171 8.99 15.53 -16.33
CA ALA D 171 10.28 15.19 -15.75
C ALA D 171 10.28 15.39 -14.23
N LEU D 172 9.32 16.16 -13.74
CA LEU D 172 9.27 16.50 -12.32
C LEU D 172 8.41 15.53 -11.52
N SER D 173 8.55 15.56 -10.20
CA SER D 173 7.76 14.72 -9.32
C SER D 173 6.30 15.17 -9.31
N THR D 174 5.42 14.30 -8.81
CA THR D 174 4.01 14.65 -8.71
C THR D 174 3.81 15.83 -7.77
N LYS D 175 4.60 15.90 -6.70
CA LYS D 175 4.52 17.01 -5.77
C LYS D 175 4.97 18.31 -6.42
N ALA D 176 6.10 18.25 -7.14
CA ALA D 176 6.61 19.41 -7.84
C ALA D 176 5.63 19.90 -8.90
N ASN D 177 4.83 18.97 -9.43
CA ASN D 177 3.89 19.31 -10.49
C ASN D 177 2.62 20.02 -10.00
N ARG D 178 2.51 20.23 -8.69
CA ARG D 178 1.44 21.07 -8.16
C ARG D 178 2.02 22.23 -7.36
N GLU D 179 3.27 22.57 -7.64
CA GLU D 179 3.96 23.65 -6.93
C GLU D 179 4.80 24.53 -7.84
N ILE D 180 5.45 23.92 -8.84
CA ILE D 180 6.42 24.64 -9.67
C ILE D 180 5.86 25.30 -10.92
N PRO D 181 5.14 24.55 -11.76
CA PRO D 181 4.60 25.19 -12.97
C PRO D 181 3.64 26.31 -12.59
N PRO D 182 3.84 27.51 -13.15
CA PRO D 182 3.04 28.69 -12.78
C PRO D 182 1.55 28.53 -13.11
N LEU D 183 0.69 29.03 -12.22
CA LEU D 183 -0.74 28.97 -12.42
C LEU D 183 -1.21 30.07 -13.36
N ARG D 184 -2.15 29.74 -14.24
CA ARG D 184 -2.73 30.72 -15.16
C ARG D 184 -4.24 30.66 -15.11
N HIS D 185 -4.82 31.08 -13.99
CA HIS D 185 -6.28 31.08 -13.88
C HIS D 185 -6.91 32.00 -14.92
N ASP D 186 -6.18 33.02 -15.33
CA ASP D 186 -6.65 33.95 -16.36
CA ASP D 186 -6.71 33.94 -16.33
C ASP D 186 -7.04 33.22 -17.64
N TRP D 187 -6.30 32.16 -17.96
CA TRP D 187 -6.62 31.35 -19.14
C TRP D 187 -7.97 30.64 -18.99
N VAL D 188 -8.30 30.19 -17.79
CA VAL D 188 -9.60 29.55 -17.57
C VAL D 188 -10.71 30.60 -17.64
N HIS D 189 -10.45 31.78 -17.06
CA HIS D 189 -11.38 32.89 -17.17
C HIS D 189 -11.64 33.20 -18.64
N ARG D 190 -10.56 33.25 -19.41
CA ARG D 190 -10.66 33.56 -20.84
C ARG D 190 -11.42 32.46 -21.61
N LEU D 191 -11.20 31.21 -21.24
CA LEU D 191 -11.94 30.11 -21.85
C LEU D 191 -13.46 30.28 -21.71
N LYS D 192 -13.91 30.68 -20.52
CA LYS D 192 -15.33 30.89 -20.29
C LYS D 192 -15.84 32.04 -21.17
N GLY D 193 -15.00 33.06 -21.34
CA GLY D 193 -15.33 34.18 -22.20
C GLY D 193 -15.46 33.80 -23.66
N ASP D 194 -14.70 32.79 -24.08
CA ASP D 194 -14.71 32.35 -25.48
C ASP D 194 -15.70 31.21 -25.73
N PHE D 195 -15.99 30.43 -24.70
CA PHE D 195 -16.90 29.28 -24.80
C PHE D 195 -18.02 29.40 -23.77
N PRO D 196 -18.86 30.44 -23.88
CA PRO D 196 -19.86 30.73 -22.86
C PRO D 196 -20.85 29.58 -22.60
N GLN D 197 -21.08 28.75 -23.61
CA GLN D 197 -22.03 27.66 -23.48
C GLN D 197 -21.45 26.48 -22.69
N LEU D 198 -20.12 26.44 -22.59
CA LEU D 198 -19.47 25.34 -21.87
C LEU D 198 -19.31 25.69 -20.40
N THR D 199 -19.10 24.67 -19.58
CA THR D 199 -18.97 24.84 -18.14
C THR D 199 -17.51 24.70 -17.72
N PHE D 200 -16.98 25.73 -17.07
CA PHE D 200 -15.58 25.71 -16.64
C PHE D 200 -15.42 25.79 -15.13
N VAL D 201 -14.64 24.86 -14.60
CA VAL D 201 -14.34 24.80 -13.18
C VAL D 201 -12.84 24.96 -13.03
N THR D 202 -12.40 26.02 -12.37
CA THR D 202 -10.97 26.26 -12.25
C THR D 202 -10.41 25.67 -10.95
N ASN D 203 -9.12 25.36 -10.98
CA ASN D 203 -8.48 24.63 -9.90
C ASN D 203 -6.99 24.94 -9.83
N GLY D 204 -6.47 25.02 -8.60
CA GLY D 204 -5.04 25.24 -8.41
C GLY D 204 -4.73 26.37 -7.44
N GLY D 205 -4.25 26.00 -6.25
CA GLY D 205 -3.78 26.96 -5.28
C GLY D 205 -4.84 27.83 -4.61
N ILE D 206 -6.11 27.44 -4.73
CA ILE D 206 -7.18 28.19 -4.10
C ILE D 206 -7.35 27.73 -2.65
N ARG D 207 -7.20 28.66 -1.71
CA ARG D 207 -7.05 28.28 -0.31
C ARG D 207 -8.17 28.72 0.63
N SER D 208 -9.11 29.51 0.14
CA SER D 208 -10.23 29.95 0.97
C SER D 208 -11.50 30.10 0.16
N LEU D 209 -12.63 30.19 0.85
CA LEU D 209 -13.90 30.40 0.18
C LEU D 209 -13.93 31.78 -0.47
N GLU D 210 -13.31 32.75 0.18
CA GLU D 210 -13.20 34.10 -0.37
C GLU D 210 -12.52 34.07 -1.73
N GLU D 211 -11.41 33.33 -1.82
CA GLU D 211 -10.69 33.20 -3.07
C GLU D 211 -11.55 32.50 -4.12
N ALA D 212 -12.29 31.49 -3.69
CA ALA D 212 -13.18 30.77 -4.59
C ALA D 212 -14.27 31.69 -5.14
N LEU D 213 -14.83 32.52 -4.27
CA LEU D 213 -15.88 33.46 -4.66
C LEU D 213 -15.39 34.44 -5.72
N PHE D 214 -14.13 34.83 -5.63
CA PHE D 214 -13.53 35.69 -6.64
C PHE D 214 -13.63 35.04 -8.01
N HIS D 215 -13.16 33.79 -8.11
CA HIS D 215 -13.17 33.08 -9.38
C HIS D 215 -14.58 32.79 -9.88
N LEU D 216 -15.51 32.62 -8.95
CA LEU D 216 -16.90 32.32 -9.29
C LEU D 216 -17.57 33.49 -10.02
N LYS D 217 -16.95 34.66 -9.99
CA LYS D 217 -17.45 35.80 -10.75
C LYS D 217 -17.03 35.69 -12.22
N ARG D 218 -16.15 34.74 -12.51
CA ARG D 218 -15.54 34.64 -13.84
C ARG D 218 -15.75 33.28 -14.49
N VAL D 219 -15.81 32.22 -13.69
CA VAL D 219 -16.08 30.89 -14.22
C VAL D 219 -17.23 30.24 -13.46
N ASP D 220 -17.63 29.05 -13.90
CA ASP D 220 -18.82 28.40 -13.35
C ASP D 220 -18.58 27.77 -11.99
N GLY D 221 -17.36 27.29 -11.75
CA GLY D 221 -17.08 26.58 -10.51
C GLY D 221 -15.62 26.62 -10.08
N VAL D 222 -15.39 26.22 -8.84
CA VAL D 222 -14.05 26.15 -8.30
C VAL D 222 -13.85 24.81 -7.60
N MET D 223 -12.72 24.18 -7.85
CA MET D 223 -12.37 22.92 -7.20
C MET D 223 -11.22 23.15 -6.24
N LEU D 224 -11.38 22.69 -5.00
CA LEU D 224 -10.35 22.81 -3.98
C LEU D 224 -9.85 21.44 -3.54
N GLY D 225 -8.53 21.28 -3.52
CA GLY D 225 -7.92 20.01 -3.11
C GLY D 225 -7.21 20.12 -1.77
N ARG D 226 -5.96 20.54 -1.81
CA ARG D 226 -5.11 20.56 -0.61
C ARG D 226 -5.68 21.39 0.54
N ALA D 227 -6.34 22.48 0.23
CA ALA D 227 -6.91 23.35 1.26
C ALA D 227 -7.93 22.59 2.11
N VAL D 228 -8.73 21.76 1.46
CA VAL D 228 -9.77 21.01 2.15
C VAL D 228 -9.18 19.90 3.02
N TYR D 229 -8.15 19.22 2.52
CA TYR D 229 -7.56 18.14 3.31
C TYR D 229 -6.76 18.68 4.49
N GLU D 230 -6.15 19.84 4.31
CA GLU D 230 -5.39 20.47 5.38
C GLU D 230 -6.31 21.03 6.47
N ASP D 231 -7.53 21.35 6.08
CA ASP D 231 -8.52 21.90 7.01
C ASP D 231 -9.90 21.85 6.39
N PRO D 232 -10.62 20.73 6.61
CA PRO D 232 -11.96 20.52 6.04
C PRO D 232 -12.90 21.71 6.26
N PHE D 233 -12.75 22.40 7.38
CA PHE D 233 -13.65 23.50 7.70
C PHE D 233 -13.37 24.77 6.91
N VAL D 234 -12.46 24.68 5.94
CA VAL D 234 -12.31 25.75 4.96
C VAL D 234 -13.62 25.86 4.19
N LEU D 235 -14.40 24.78 4.20
CA LEU D 235 -15.70 24.74 3.52
C LEU D 235 -16.85 25.09 4.46
N GLU D 236 -16.52 25.58 5.64
CA GLU D 236 -17.51 25.86 6.69
C GLU D 236 -18.69 26.69 6.21
N GLU D 237 -18.42 27.75 5.47
CA GLU D 237 -19.47 28.68 5.05
C GLU D 237 -19.97 28.39 3.64
N ALA D 238 -19.54 27.27 3.05
CA ALA D 238 -19.89 26.94 1.68
C ALA D 238 -21.40 26.82 1.46
N ASP D 239 -22.06 26.02 2.30
CA ASP D 239 -23.49 25.81 2.14
C ASP D 239 -24.28 27.11 2.20
N ARG D 240 -23.91 27.99 3.13
CA ARG D 240 -24.59 29.27 3.28
C ARG D 240 -24.22 30.28 2.19
N ARG D 241 -22.92 30.49 1.98
CA ARG D 241 -22.46 31.56 1.12
C ARG D 241 -22.42 31.20 -0.38
N VAL D 242 -22.36 29.91 -0.68
CA VAL D 242 -22.35 29.46 -2.07
C VAL D 242 -23.68 28.83 -2.48
N PHE D 243 -24.18 27.92 -1.67
CA PHE D 243 -25.37 27.15 -2.03
C PHE D 243 -26.67 27.71 -1.45
N GLY D 244 -26.57 28.81 -0.73
CA GLY D 244 -27.74 29.48 -0.19
C GLY D 244 -28.56 28.62 0.76
N LEU D 245 -27.89 27.73 1.48
CA LEU D 245 -28.55 26.88 2.47
C LEU D 245 -28.39 27.48 3.87
N PRO D 246 -29.46 27.45 4.67
CA PRO D 246 -29.43 27.96 6.05
C PRO D 246 -28.81 26.92 6.97
N ARG D 247 -27.51 26.69 6.78
CA ARG D 247 -26.83 25.60 7.47
C ARG D 247 -25.37 25.96 7.75
N ARG D 248 -24.95 25.74 8.99
CA ARG D 248 -23.57 25.98 9.38
C ARG D 248 -23.07 24.88 10.31
N PRO D 249 -22.08 24.11 9.85
CA PRO D 249 -21.57 22.95 10.59
C PRO D 249 -20.73 23.34 11.80
N SER D 250 -20.64 22.44 12.77
CA SER D 250 -19.75 22.62 13.90
C SER D 250 -18.78 21.46 13.94
N ARG D 251 -17.51 21.74 14.26
CA ARG D 251 -16.48 20.71 14.29
C ARG D 251 -16.84 19.58 15.26
N LEU D 252 -17.48 19.94 16.36
CA LEU D 252 -17.87 18.95 17.36
C LEU D 252 -18.96 18.03 16.84
N GLU D 253 -19.94 18.61 16.14
CA GLU D 253 -21.01 17.81 15.56
C GLU D 253 -20.47 16.85 14.51
N VAL D 254 -19.59 17.35 13.64
CA VAL D 254 -18.96 16.53 12.62
C VAL D 254 -18.17 15.40 13.27
N ALA D 255 -17.44 15.73 14.33
CA ALA D 255 -16.64 14.75 15.06
C ALA D 255 -17.50 13.63 15.63
N ARG D 256 -18.65 13.99 16.19
CA ARG D 256 -19.56 13.01 16.77
C ARG D 256 -20.18 12.12 15.70
N ARG D 257 -20.41 12.69 14.52
CA ARG D 257 -20.94 11.94 13.41
C ARG D 257 -19.91 10.92 12.90
N MET D 258 -18.65 11.32 12.90
CA MET D 258 -17.57 10.45 12.44
C MET D 258 -17.37 9.26 13.37
N ARG D 259 -17.68 9.46 14.65
CA ARG D 259 -17.55 8.37 15.62
C ARG D 259 -18.55 7.26 15.34
N ALA D 260 -19.80 7.63 15.11
CA ALA D 260 -20.83 6.67 14.75
C ALA D 260 -20.44 5.99 13.44
N TYR D 261 -19.92 6.78 12.50
CA TYR D 261 -19.44 6.25 11.23
C TYR D 261 -18.32 5.24 11.45
N LEU D 262 -17.37 5.58 12.31
CA LEU D 262 -16.24 4.71 12.62
C LEU D 262 -16.70 3.39 13.21
N GLU D 263 -17.67 3.45 14.12
CA GLU D 263 -18.18 2.26 14.78
C GLU D 263 -18.83 1.32 13.76
N GLU D 264 -19.62 1.89 12.85
CA GLU D 264 -20.23 1.12 11.78
C GLU D 264 -19.15 0.49 10.91
N GLU D 265 -18.11 1.27 10.63
CA GLU D 265 -17.05 0.86 9.73
C GLU D 265 -16.23 -0.29 10.31
N VAL D 266 -15.88 -0.18 11.59
CA VAL D 266 -15.13 -1.23 12.26
C VAL D 266 -15.89 -2.56 12.23
N LEU D 267 -17.21 -2.49 12.40
CA LEU D 267 -18.05 -3.68 12.40
C LEU D 267 -17.91 -4.48 11.12
N LYS D 268 -17.65 -3.80 10.00
CA LYS D 268 -17.48 -4.49 8.73
C LYS D 268 -16.01 -4.77 8.42
N GLY D 269 -15.16 -4.63 9.43
CA GLY D 269 -13.76 -5.03 9.32
C GLY D 269 -12.82 -3.97 8.78
N THR D 270 -13.26 -2.72 8.77
CA THR D 270 -12.39 -1.63 8.34
C THR D 270 -11.43 -1.24 9.47
N PRO D 271 -10.13 -1.19 9.16
CA PRO D 271 -9.15 -0.74 10.16
C PRO D 271 -9.48 0.67 10.62
N PRO D 272 -9.55 0.89 11.94
CA PRO D 272 -9.92 2.20 12.47
C PRO D 272 -9.07 3.32 11.89
N TRP D 273 -7.80 3.05 11.64
CA TRP D 273 -6.88 4.06 11.13
C TRP D 273 -7.27 4.53 9.72
N ALA D 274 -7.93 3.66 8.97
CA ALA D 274 -8.36 4.02 7.62
C ALA D 274 -9.34 5.20 7.66
N VAL D 275 -10.03 5.33 8.78
CA VAL D 275 -10.98 6.43 8.97
C VAL D 275 -10.32 7.57 9.73
N LEU D 276 -9.65 7.23 10.83
CA LEU D 276 -9.05 8.23 11.72
C LEU D 276 -7.96 9.07 11.05
N ARG D 277 -7.18 8.47 10.17
CA ARG D 277 -6.08 9.18 9.53
C ARG D 277 -6.57 10.41 8.74
N HIS D 278 -7.84 10.41 8.38
CA HIS D 278 -8.44 11.53 7.65
C HIS D 278 -9.13 12.53 8.57
N MET D 279 -9.01 12.33 9.88
CA MET D 279 -9.69 13.16 10.87
C MET D 279 -8.73 14.06 11.65
N LEU D 280 -7.45 13.97 11.33
CA LEU D 280 -6.41 14.65 12.12
C LEU D 280 -6.48 16.18 12.04
N ASN D 281 -7.04 16.70 10.95
CA ASN D 281 -7.07 18.14 10.74
C ASN D 281 -8.43 18.79 11.01
N LEU D 282 -9.32 18.06 11.68
CA LEU D 282 -10.67 18.56 11.93
C LEU D 282 -10.66 19.81 12.80
N PHE D 283 -9.68 19.90 13.70
CA PHE D 283 -9.57 21.06 14.59
C PHE D 283 -8.31 21.88 14.30
N ARG D 284 -7.94 21.94 13.02
CA ARG D 284 -6.78 22.70 12.59
C ARG D 284 -6.91 24.15 13.04
N GLY D 285 -5.86 24.67 13.70
CA GLY D 285 -5.83 26.06 14.10
C GLY D 285 -6.77 26.39 15.25
N ARG D 286 -7.40 25.37 15.82
CA ARG D 286 -8.34 25.56 16.92
C ARG D 286 -7.67 25.22 18.25
N PRO D 287 -8.22 25.76 19.35
CA PRO D 287 -7.69 25.41 20.68
C PRO D 287 -7.71 23.90 20.88
N LYS D 288 -6.62 23.35 21.41
CA LYS D 288 -6.52 21.91 21.69
C LYS D 288 -6.44 21.08 20.41
N GLY D 289 -6.37 21.75 19.27
CA GLY D 289 -6.30 21.08 17.98
C GLY D 289 -5.11 20.13 17.85
N ARG D 290 -3.99 20.50 18.45
CA ARG D 290 -2.80 19.66 18.38
C ARG D 290 -2.95 18.37 19.19
N LEU D 291 -3.56 18.49 20.37
CA LEU D 291 -3.77 17.32 21.21
C LEU D 291 -4.77 16.36 20.56
N TRP D 292 -5.72 16.93 19.81
CA TRP D 292 -6.67 16.14 19.06
C TRP D 292 -5.94 15.23 18.08
N ARG D 293 -5.06 15.82 17.27
CA ARG D 293 -4.26 15.08 16.31
C ARG D 293 -3.38 14.03 17.01
N ARG D 294 -2.74 14.43 18.10
CA ARG D 294 -1.87 13.53 18.85
C ARG D 294 -2.63 12.31 19.37
N LEU D 295 -3.76 12.54 20.02
CA LEU D 295 -4.56 11.45 20.57
C LEU D 295 -4.97 10.44 19.51
N LEU D 296 -5.40 10.94 18.35
CA LEU D 296 -5.80 10.06 17.25
C LEU D 296 -4.59 9.37 16.61
N SER D 297 -3.52 10.13 16.39
CA SER D 297 -2.32 9.60 15.74
C SER D 297 -1.66 8.51 16.58
N GLU D 298 -1.75 8.65 17.89
CA GLU D 298 -1.09 7.72 18.80
C GLU D 298 -1.99 6.54 19.15
N GLY D 299 -3.27 6.82 19.41
CA GLY D 299 -4.22 5.80 19.81
C GLY D 299 -4.72 4.96 18.65
N ARG D 300 -5.13 5.62 17.57
CA ARG D 300 -5.59 4.93 16.36
C ARG D 300 -6.71 3.94 16.64
N SER D 301 -7.65 4.33 17.50
CA SER D 301 -8.74 3.43 17.88
C SER D 301 -9.99 4.21 18.25
N LEU D 302 -11.10 3.48 18.41
CA LEU D 302 -12.36 4.08 18.81
C LEU D 302 -12.25 4.65 20.21
N GLN D 303 -11.51 3.96 21.08
CA GLN D 303 -11.28 4.42 22.44
C GLN D 303 -10.55 5.76 22.42
N ALA D 304 -9.55 5.87 21.55
CA ALA D 304 -8.77 7.10 21.45
C ALA D 304 -9.62 8.26 20.95
N LEU D 305 -10.52 7.97 20.00
CA LEU D 305 -11.45 8.98 19.50
C LEU D 305 -12.37 9.45 20.61
N ASP D 306 -12.88 8.50 21.39
CA ASP D 306 -13.74 8.83 22.53
C ASP D 306 -13.03 9.75 23.51
N ARG D 307 -11.74 9.48 23.76
CA ARG D 307 -10.93 10.34 24.61
C ARG D 307 -10.84 11.74 24.02
N ALA D 308 -10.56 11.82 22.72
CA ALA D 308 -10.44 13.10 22.03
C ALA D 308 -11.74 13.87 22.04
N LEU D 309 -12.86 13.15 21.99
CA LEU D 309 -14.17 13.78 22.00
C LEU D 309 -14.46 14.45 23.33
N ARG D 310 -14.17 13.74 24.42
CA ARG D 310 -14.34 14.30 25.76
C ARG D 310 -13.53 15.58 25.87
N LEU D 311 -12.31 15.54 25.35
CA LEU D 311 -11.43 16.69 25.35
C LEU D 311 -12.07 17.92 24.70
N MET D 312 -12.81 17.67 23.61
CA MET D 312 -13.29 18.75 22.75
C MET D 312 -14.70 19.26 23.04
N GLU D 313 -15.47 18.51 23.84
CA GLU D 313 -16.84 18.90 24.12
C GLU D 313 -16.91 20.26 24.82
N1 FMN E . 7.48 -14.92 1.53
C2 FMN E . 8.04 -16.15 1.28
O2 FMN E . 7.53 -17.18 1.74
N3 FMN E . 9.20 -16.24 0.54
C4 FMN E . 9.79 -15.11 0.03
O4 FMN E . 10.82 -15.20 -0.63
C4A FMN E . 9.22 -13.87 0.27
N5 FMN E . 9.80 -12.71 -0.24
C5A FMN E . 9.33 -11.48 0.17
C6 FMN E . 10.01 -10.33 -0.19
C7 FMN E . 9.55 -9.09 0.22
C7M FMN E . 10.29 -7.84 -0.15
C8 FMN E . 8.39 -9.00 0.99
C8M FMN E . 7.89 -7.66 1.44
C9 FMN E . 7.70 -10.16 1.34
C9A FMN E . 8.17 -11.40 0.93
N10 FMN E . 7.48 -12.55 1.27
C10 FMN E . 8.05 -13.78 1.02
C1' FMN E . 6.23 -12.48 2.11
C2' FMN E . 6.67 -12.41 3.57
O2' FMN E . 7.41 -13.58 3.92
C3' FMN E . 5.50 -12.27 4.54
O3' FMN E . 4.69 -13.41 4.45
C4' FMN E . 4.69 -11.02 4.23
O4' FMN E . 5.56 -9.93 4.01
C5' FMN E . 3.73 -10.65 5.36
O5' FMN E . 4.42 -10.57 6.57
P FMN E . 4.76 -9.13 7.22
O1P FMN E . 3.49 -8.30 7.28
O2P FMN E . 5.77 -8.43 6.34
O3P FMN E . 5.33 -9.31 8.62
N1 FMN F . -5.90 15.03 -9.49
C2 FMN F . -6.67 14.15 -10.21
O2 FMN F . -7.29 14.53 -11.21
N3 FMN F . -6.76 12.84 -9.80
C4 FMN F . -6.09 12.38 -8.69
O4 FMN F . -6.20 11.22 -8.35
C4A FMN F . -5.30 13.28 -7.97
N5 FMN F . -4.61 12.85 -6.85
C5A FMN F . -4.00 13.79 -6.03
C6 FMN F . -3.47 13.40 -4.80
C7 FMN F . -2.87 14.33 -3.98
C7M FMN F . -2.29 13.92 -2.65
C8 FMN F . -2.79 15.65 -4.38
C8M FMN F . -2.14 16.68 -3.49
C9 FMN F . -3.31 16.05 -5.61
C9A FMN F . -3.91 15.11 -6.44
N10 FMN F . -4.44 15.49 -7.66
C10 FMN F . -5.21 14.60 -8.37
C1' FMN F . -4.38 16.91 -8.12
C2' FMN F . -5.53 17.65 -7.44
O2' FMN F . -6.77 17.10 -7.86
C3' FMN F . -5.52 19.13 -7.77
O3' FMN F . -5.70 19.32 -9.16
C4' FMN F . -4.21 19.78 -7.33
O4' FMN F . -3.89 19.35 -6.01
C5' FMN F . -4.29 21.30 -7.35
O5' FMN F . -5.40 21.72 -6.61
P FMN F . -5.22 22.36 -5.14
O1P FMN F . -4.19 23.46 -5.21
O2P FMN F . -4.75 21.29 -4.20
O3P FMN F . -6.55 22.92 -4.70
#